data_3AFN
#
_entry.id   3AFN
#
_cell.length_a   60.404
_cell.length_b   64.195
_cell.length_c   74.441
_cell.angle_alpha   80.15
_cell.angle_beta   66.08
_cell.angle_gamma   64.98
#
_symmetry.space_group_name_H-M   'P 1'
#
loop_
_entity.id
_entity.type
_entity.pdbx_description
1 polymer 'Carbonyl reductase'
2 non-polymer 'NADP NICOTINAMIDE-ADENINE-DINUCLEOTIDE PHOSPHATE'
3 non-polymer 'TERTIARY-BUTYL ALCOHOL'
4 water water
#
_entity_poly.entity_id   1
_entity_poly.type   'polypeptide(L)'
_entity_poly.pdbx_seq_one_letter_code
;MFPDLKGKRVLITGSSQGIGLATARLFARAGAKVGLHGRKAPANIDETIASMRADGGDAAFFAADLATSEACQQLVDEFV
AKFGGIDVLINNAGGLVGRKPLPEIDDTFYDAVMDANIRSVVMTTKFALPHLAAAAKASGQTSAVISTGSIAGHTGGGPG
AGLYGAAKAFLHNVHKNWVDFHTKDGVRFNIVSPGTVDTAFHADKTQDVRDRISNGIPMGRFGTAEEMAPAFLFFASHLA
SGYITGQVLDINGGQYKH
;
_entity_poly.pdbx_strand_id   B,A,C,D
#
# COMPACT_ATOMS: atom_id res chain seq x y z
N PHE A 2 21.16 -21.37 8.07
CA PHE A 2 20.23 -21.25 9.22
C PHE A 2 20.32 -22.50 10.11
N PRO A 3 21.10 -22.41 11.22
CA PRO A 3 21.41 -23.57 12.05
C PRO A 3 20.22 -24.14 12.83
N ASP A 4 19.24 -23.29 13.10
CA ASP A 4 18.07 -23.72 13.87
C ASP A 4 17.02 -24.45 13.02
N LEU A 5 17.32 -24.67 11.74
CA LEU A 5 16.42 -25.43 10.87
C LEU A 5 16.69 -26.94 10.88
N LYS A 6 17.86 -27.34 11.39
CA LYS A 6 18.22 -28.76 11.47
C LYS A 6 17.19 -29.50 12.32
N GLY A 7 16.60 -30.55 11.76
CA GLY A 7 15.61 -31.35 12.48
C GLY A 7 14.17 -30.82 12.48
N LYS A 8 13.98 -29.61 11.97
N LYS A 8 13.98 -29.61 11.97
CA LYS A 8 12.64 -29.01 11.89
CA LYS A 8 12.64 -29.02 11.89
C LYS A 8 11.77 -29.79 10.92
C LYS A 8 11.77 -29.79 10.92
N ARG A 9 10.49 -29.91 11.28
CA ARG A 9 9.52 -30.69 10.50
C ARG A 9 8.73 -29.72 9.64
N VAL A 10 9.00 -29.78 8.33
CA VAL A 10 8.55 -28.75 7.40
C VAL A 10 7.64 -29.34 6.32
N LEU A 11 6.36 -29.01 6.40
CA LEU A 11 5.39 -29.46 5.40
C LEU A 11 5.27 -28.38 4.32
N ILE A 12 5.59 -28.76 3.08
CA ILE A 12 5.57 -27.81 1.97
C ILE A 12 4.57 -28.29 0.92
N THR A 13 3.43 -27.62 0.84
CA THR A 13 2.45 -28.01 -0.16
C THR A 13 2.91 -27.52 -1.53
N GLY A 14 2.61 -28.31 -2.56
CA GLY A 14 3.01 -28.00 -3.93
C GLY A 14 4.51 -27.98 -4.09
N SER A 15 5.19 -28.95 -3.48
CA SER A 15 6.64 -29.08 -3.57
C SER A 15 7.10 -30.18 -4.51
N SER A 16 6.18 -30.70 -5.33
CA SER A 16 6.51 -31.77 -6.29
C SER A 16 7.33 -31.23 -7.47
N GLN A 17 7.29 -29.91 -7.66
CA GLN A 17 8.01 -29.23 -8.73
C GLN A 17 8.10 -27.73 -8.46
N GLY A 18 8.85 -27.03 -9.32
CA GLY A 18 8.87 -25.57 -9.30
C GLY A 18 9.46 -24.96 -8.05
N ILE A 19 8.86 -23.85 -7.62
CA ILE A 19 9.32 -23.11 -6.44
C ILE A 19 9.29 -23.97 -5.18
N GLY A 20 8.23 -24.75 -5.02
CA GLY A 20 8.08 -25.61 -3.84
C GLY A 20 9.19 -26.65 -3.77
N LEU A 21 9.55 -27.22 -4.92
CA LEU A 21 10.63 -28.20 -4.97
C LEU A 21 11.99 -27.59 -4.66
N ALA A 22 12.30 -26.47 -5.31
CA ALA A 22 13.55 -25.76 -5.05
C ALA A 22 13.69 -25.41 -3.57
N THR A 23 12.58 -24.97 -2.97
CA THR A 23 12.53 -24.64 -1.54
C THR A 23 12.77 -25.88 -0.67
N ALA A 24 12.08 -26.97 -1.00
CA ALA A 24 12.25 -28.25 -0.30
C ALA A 24 13.70 -28.71 -0.32
N ARG A 25 14.35 -28.62 -1.48
CA ARG A 25 15.75 -29.01 -1.61
C ARG A 25 16.65 -28.21 -0.67
N LEU A 26 16.38 -26.92 -0.52
CA LEU A 26 17.18 -26.07 0.35
C LEU A 26 16.95 -26.37 1.84
N PHE A 27 15.71 -26.62 2.22
CA PHE A 27 15.40 -27.02 3.60
C PHE A 27 16.13 -28.31 4.00
N ALA A 28 16.17 -29.27 3.07
CA ALA A 28 16.85 -30.54 3.30
C ALA A 28 18.36 -30.33 3.48
N ARG A 29 18.94 -29.45 2.65
CA ARG A 29 20.36 -29.09 2.82
C ARG A 29 20.63 -28.48 4.19
N ALA A 30 19.60 -27.85 4.76
CA ALA A 30 19.68 -27.28 6.12
C ALA A 30 19.39 -28.31 7.22
N GLY A 31 19.14 -29.55 6.81
CA GLY A 31 18.90 -30.64 7.76
C GLY A 31 17.46 -30.81 8.22
N ALA A 32 16.52 -30.18 7.51
CA ALA A 32 15.11 -30.29 7.87
C ALA A 32 14.51 -31.62 7.39
N LYS A 33 13.42 -32.02 8.04
CA LYS A 33 12.62 -33.16 7.64
C LYS A 33 11.44 -32.58 6.86
N VAL A 34 11.40 -32.89 5.57
CA VAL A 34 10.49 -32.21 4.63
C VAL A 34 9.34 -33.08 4.13
N GLY A 35 8.13 -32.55 4.23
CA GLY A 35 6.96 -33.16 3.60
C GLY A 35 6.81 -32.63 2.19
N LEU A 36 7.05 -33.50 1.22
CA LEU A 36 6.88 -33.20 -0.19
C LEU A 36 5.44 -33.47 -0.56
N HIS A 37 4.87 -32.64 -1.43
CA HIS A 37 3.46 -32.75 -1.77
C HIS A 37 3.11 -32.26 -3.17
N GLY A 38 2.16 -32.95 -3.82
CA GLY A 38 1.56 -32.52 -5.07
C GLY A 38 0.27 -33.30 -5.29
N ARG A 39 -0.39 -33.06 -6.43
CA ARG A 39 -1.58 -33.83 -6.79
C ARG A 39 -1.19 -35.22 -7.27
N LYS A 40 -0.03 -35.31 -7.93
CA LYS A 40 0.51 -36.59 -8.41
C LYS A 40 1.98 -36.72 -8.07
N ALA A 41 2.44 -37.95 -7.85
CA ALA A 41 3.86 -38.22 -7.64
C ALA A 41 4.64 -37.93 -8.91
N PRO A 42 5.70 -37.10 -8.83
CA PRO A 42 6.57 -36.95 -9.99
C PRO A 42 7.20 -38.29 -10.36
N ALA A 43 7.45 -38.50 -11.65
CA ALA A 43 7.97 -39.76 -12.18
C ALA A 43 9.30 -40.21 -11.54
N ASN A 44 10.00 -39.26 -10.91
CA ASN A 44 11.27 -39.57 -10.24
C ASN A 44 11.33 -39.07 -8.80
N ILE A 45 10.17 -39.12 -8.12
CA ILE A 45 10.06 -38.69 -6.72
C ILE A 45 11.05 -39.36 -5.76
N ASP A 46 11.34 -40.64 -5.97
CA ASP A 46 12.27 -41.36 -5.10
C ASP A 46 13.71 -40.88 -5.27
N GLU A 47 14.05 -40.41 -6.46
CA GLU A 47 15.37 -39.84 -6.70
C GLU A 47 15.51 -38.47 -6.02
N THR A 48 14.43 -37.68 -6.05
CA THR A 48 14.37 -36.43 -5.29
C THR A 48 14.58 -36.69 -3.79
N ILE A 49 13.84 -37.65 -3.24
CA ILE A 49 13.95 -38.03 -1.83
C ILE A 49 15.38 -38.50 -1.47
N ALA A 50 15.95 -39.34 -2.33
CA ALA A 50 17.33 -39.81 -2.13
C ALA A 50 18.32 -38.65 -2.06
N SER A 51 18.17 -37.67 -2.96
CA SER A 51 19.06 -36.51 -3.03
C SER A 51 18.96 -35.62 -1.79
N MET A 52 17.73 -35.47 -1.29
CA MET A 52 17.48 -34.69 -0.08
C MET A 52 18.10 -35.35 1.16
N ARG A 53 18.05 -36.68 1.19
CA ARG A 53 18.64 -37.43 2.29
C ARG A 53 20.17 -37.38 2.24
N ALA A 54 20.71 -37.46 1.03
CA ALA A 54 22.15 -37.34 0.81
C ALA A 54 22.66 -35.96 1.23
N ASP A 55 21.80 -34.95 1.09
CA ASP A 55 22.14 -33.57 1.43
C ASP A 55 22.09 -33.30 2.95
N GLY A 56 21.60 -34.26 3.71
CA GLY A 56 21.57 -34.17 5.17
C GLY A 56 20.21 -33.97 5.81
N GLY A 57 19.16 -34.08 5.02
CA GLY A 57 17.80 -33.96 5.52
C GLY A 57 17.02 -35.25 5.42
N ASP A 58 15.69 -35.14 5.46
CA ASP A 58 14.82 -36.26 5.20
C ASP A 58 13.62 -35.76 4.42
N ALA A 59 12.91 -36.69 3.76
CA ALA A 59 11.78 -36.34 2.91
C ALA A 59 10.81 -37.50 2.81
N ALA A 60 9.53 -37.16 2.68
CA ALA A 60 8.47 -38.13 2.39
C ALA A 60 7.42 -37.44 1.51
N PHE A 61 6.90 -38.16 0.54
CA PHE A 61 5.92 -37.60 -0.40
C PHE A 61 4.49 -37.98 -0.05
N PHE A 62 3.61 -36.98 -0.13
CA PHE A 62 2.18 -37.17 0.11
C PHE A 62 1.40 -36.59 -1.07
N ALA A 63 0.49 -37.38 -1.63
CA ALA A 63 -0.36 -36.91 -2.72
C ALA A 63 -1.71 -36.48 -2.18
N ALA A 64 -2.16 -35.30 -2.61
CA ALA A 64 -3.46 -34.76 -2.21
C ALA A 64 -3.87 -33.60 -3.11
N ASP A 65 -5.15 -33.58 -3.49
CA ASP A 65 -5.74 -32.42 -4.12
C ASP A 65 -6.36 -31.58 -3.00
N LEU A 66 -5.76 -30.42 -2.73
CA LEU A 66 -6.12 -29.64 -1.56
C LEU A 66 -7.35 -28.76 -1.79
N ALA A 67 -8.05 -28.99 -2.90
CA ALA A 67 -9.28 -28.26 -3.21
C ALA A 67 -10.42 -28.59 -2.25
N THR A 68 -10.28 -29.70 -1.51
CA THR A 68 -11.27 -30.06 -0.48
C THR A 68 -10.68 -30.09 0.93
N SER A 69 -11.52 -29.76 1.91
N SER A 69 -11.51 -29.77 1.91
CA SER A 69 -11.11 -29.71 3.32
CA SER A 69 -11.09 -29.71 3.31
C SER A 69 -10.61 -31.07 3.81
C SER A 69 -10.64 -31.06 3.86
N GLU A 70 -11.33 -32.12 3.44
CA GLU A 70 -10.99 -33.49 3.83
C GLU A 70 -9.57 -33.88 3.43
N ALA A 71 -9.18 -33.49 2.20
CA ALA A 71 -7.84 -33.75 1.69
C ALA A 71 -6.79 -32.96 2.48
N CYS A 72 -7.10 -31.70 2.81
CA CYS A 72 -6.22 -30.88 3.66
C CYS A 72 -5.99 -31.50 5.04
N GLN A 73 -7.07 -31.99 5.65
N GLN A 73 -7.07 -31.99 5.66
CA GLN A 73 -7.02 -32.67 6.95
CA GLN A 73 -6.99 -32.67 6.95
C GLN A 73 -6.17 -33.95 6.88
C GLN A 73 -6.14 -33.94 6.86
N GLN A 74 -6.39 -34.73 5.82
CA GLN A 74 -5.65 -35.99 5.61
C GLN A 74 -4.17 -35.76 5.37
N LEU A 75 -3.81 -34.72 4.61
CA LEU A 75 -2.41 -34.40 4.40
C LEU A 75 -1.70 -34.07 5.71
N VAL A 76 -2.33 -33.21 6.51
CA VAL A 76 -1.78 -32.83 7.82
C VAL A 76 -1.63 -34.04 8.73
N ASP A 77 -2.67 -34.88 8.79
CA ASP A 77 -2.63 -36.10 9.60
C ASP A 77 -1.52 -37.07 9.17
N GLU A 78 -1.39 -37.27 7.86
CA GLU A 78 -0.36 -38.15 7.31
C GLU A 78 1.04 -37.63 7.64
N PHE A 79 1.22 -36.31 7.48
CA PHE A 79 2.50 -35.70 7.77
C PHE A 79 2.88 -35.83 9.25
N VAL A 80 1.92 -35.60 10.14
CA VAL A 80 2.13 -35.72 11.58
C VAL A 80 2.41 -37.17 11.99
N ALA A 81 1.68 -38.12 11.40
CA ALA A 81 1.95 -39.55 11.65
C ALA A 81 3.38 -39.92 11.26
N LYS A 82 3.87 -39.34 10.16
CA LYS A 82 5.20 -39.67 9.63
C LYS A 82 6.35 -39.04 10.42
N PHE A 83 6.26 -37.75 10.71
CA PHE A 83 7.37 -37.02 11.34
C PHE A 83 7.14 -36.63 12.82
N GLY A 84 5.92 -36.81 13.31
CA GLY A 84 5.63 -36.64 14.74
C GLY A 84 5.17 -35.26 15.20
N GLY A 85 5.04 -34.33 14.25
CA GLY A 85 4.61 -32.97 14.55
C GLY A 85 4.92 -32.05 13.39
N ILE A 86 4.57 -30.77 13.53
CA ILE A 86 4.87 -29.76 12.51
C ILE A 86 5.46 -28.50 13.14
N ASP A 87 6.60 -28.07 12.61
CA ASP A 87 7.24 -26.83 13.02
C ASP A 87 7.02 -25.69 12.03
N VAL A 88 6.95 -26.05 10.74
CA VAL A 88 6.79 -25.07 9.66
C VAL A 88 5.78 -25.59 8.65
N LEU A 89 4.78 -24.78 8.33
CA LEU A 89 3.88 -25.05 7.22
C LEU A 89 4.15 -24.05 6.12
N ILE A 90 4.39 -24.55 4.91
CA ILE A 90 4.51 -23.68 3.73
C ILE A 90 3.34 -23.96 2.78
N ASN A 91 2.45 -22.96 2.66
CA ASN A 91 1.29 -23.05 1.79
C ASN A 91 1.67 -22.56 0.38
N ASN A 92 2.20 -23.47 -0.42
CA ASN A 92 2.72 -23.12 -1.74
C ASN A 92 1.89 -23.69 -2.90
N ALA A 93 1.08 -24.72 -2.61
CA ALA A 93 0.16 -25.27 -3.62
C ALA A 93 -0.79 -24.19 -4.12
N GLY A 94 -1.00 -24.16 -5.43
CA GLY A 94 -1.86 -23.18 -6.06
C GLY A 94 -1.52 -23.10 -7.53
N GLY A 95 -2.28 -22.28 -8.26
CA GLY A 95 -2.05 -22.10 -9.69
C GLY A 95 -3.23 -21.44 -10.37
N LEU A 96 -3.06 -21.14 -11.64
CA LEU A 96 -4.11 -20.44 -12.39
C LEU A 96 -5.37 -21.26 -12.58
N VAL A 97 -5.21 -22.58 -12.68
CA VAL A 97 -6.26 -23.54 -13.05
C VAL A 97 -6.62 -23.41 -14.54
N GLY A 98 -6.88 -22.18 -14.96
CA GLY A 98 -7.14 -21.87 -16.37
C GLY A 98 -7.23 -20.37 -16.56
N ARG A 99 -7.37 -19.93 -17.81
CA ARG A 99 -7.54 -18.51 -18.08
C ARG A 99 -8.89 -18.28 -18.72
N LYS A 100 -9.75 -17.56 -18.00
CA LYS A 100 -11.05 -17.19 -18.53
C LYS A 100 -11.33 -15.73 -18.22
N PRO A 101 -11.68 -14.93 -19.26
CA PRO A 101 -12.05 -13.54 -19.04
C PRO A 101 -13.35 -13.47 -18.24
N LEU A 102 -13.62 -12.30 -17.64
CA LEU A 102 -14.82 -12.12 -16.81
C LEU A 102 -16.12 -12.67 -17.43
N PRO A 103 -16.41 -12.36 -18.72
CA PRO A 103 -17.65 -12.88 -19.30
C PRO A 103 -17.75 -14.41 -19.29
N GLU A 104 -16.62 -15.09 -19.22
CA GLU A 104 -16.56 -16.55 -19.25
C GLU A 104 -16.40 -17.18 -17.86
N ILE A 105 -16.42 -16.36 -16.81
CA ILE A 105 -16.27 -16.86 -15.45
C ILE A 105 -17.60 -17.41 -14.92
N ASP A 106 -17.75 -18.72 -15.04
CA ASP A 106 -18.96 -19.38 -14.54
C ASP A 106 -18.69 -20.03 -13.19
N ASP A 107 -19.72 -20.63 -12.58
CA ASP A 107 -19.59 -21.19 -11.23
C ASP A 107 -18.52 -22.27 -11.12
N THR A 108 -18.51 -23.19 -12.07
CA THR A 108 -17.54 -24.30 -12.03
C THR A 108 -16.09 -23.78 -12.06
N PHE A 109 -15.81 -22.82 -12.94
CA PHE A 109 -14.46 -22.25 -13.02
C PHE A 109 -14.12 -21.47 -11.76
N TYR A 110 -15.04 -20.61 -11.34
CA TYR A 110 -14.90 -19.86 -10.08
C TYR A 110 -14.56 -20.82 -8.94
N ASP A 111 -15.39 -21.85 -8.75
CA ASP A 111 -15.14 -22.83 -7.68
C ASP A 111 -13.74 -23.45 -7.78
N ALA A 112 -13.36 -23.85 -8.99
CA ALA A 112 -12.04 -24.47 -9.23
C ALA A 112 -10.88 -23.57 -8.79
N VAL A 113 -10.91 -22.30 -9.21
CA VAL A 113 -9.83 -21.38 -8.88
C VAL A 113 -9.82 -21.06 -7.39
N MET A 114 -11.01 -20.83 -6.85
CA MET A 114 -11.14 -20.41 -5.45
C MET A 114 -10.80 -21.54 -4.50
N ASP A 115 -11.22 -22.77 -4.83
CA ASP A 115 -10.88 -23.93 -4.00
C ASP A 115 -9.39 -24.23 -4.04
N ALA A 116 -8.79 -24.15 -5.23
CA ALA A 116 -7.38 -24.50 -5.37
C ALA A 116 -6.45 -23.51 -4.64
N ASN A 117 -6.86 -22.24 -4.64
CA ASN A 117 -5.98 -21.16 -4.20
C ASN A 117 -6.28 -20.57 -2.83
N ILE A 118 -7.53 -20.68 -2.40
CA ILE A 118 -7.95 -20.10 -1.12
C ILE A 118 -8.36 -21.17 -0.12
N ARG A 119 -9.33 -22.01 -0.47
CA ARG A 119 -9.80 -23.03 0.46
C ARG A 119 -8.64 -23.91 0.91
N SER A 120 -7.78 -24.27 -0.04
CA SER A 120 -6.59 -25.05 0.25
C SER A 120 -5.75 -24.44 1.38
N VAL A 121 -5.49 -23.14 1.29
CA VAL A 121 -4.64 -22.45 2.27
C VAL A 121 -5.33 -22.32 3.62
N VAL A 122 -6.59 -21.89 3.59
CA VAL A 122 -7.37 -21.70 4.81
C VAL A 122 -7.47 -23.01 5.60
N MET A 123 -7.82 -24.09 4.91
CA MET A 123 -8.06 -25.36 5.58
C MET A 123 -6.78 -26.07 6.01
N THR A 124 -5.76 -26.07 5.15
CA THR A 124 -4.48 -26.68 5.55
C THR A 124 -3.89 -25.96 6.77
N THR A 125 -3.97 -24.62 6.78
CA THR A 125 -3.47 -23.84 7.90
C THR A 125 -4.29 -24.16 9.15
N LYS A 126 -5.62 -24.22 9.00
CA LYS A 126 -6.50 -24.54 10.13
C LYS A 126 -6.12 -25.86 10.79
N PHE A 127 -5.95 -26.89 9.96
CA PHE A 127 -5.64 -28.23 10.48
C PHE A 127 -4.21 -28.34 11.03
N ALA A 128 -3.30 -27.57 10.46
CA ALA A 128 -1.90 -27.57 10.92
C ALA A 128 -1.71 -26.79 12.22
N LEU A 129 -2.60 -25.82 12.46
CA LEU A 129 -2.42 -24.83 13.54
C LEU A 129 -2.21 -25.42 14.95
N PRO A 130 -3.05 -26.39 15.36
CA PRO A 130 -2.85 -26.93 16.71
C PRO A 130 -1.48 -27.61 16.86
N HIS A 131 -0.99 -28.25 15.80
CA HIS A 131 0.33 -28.89 15.81
C HIS A 131 1.45 -27.85 15.87
N LEU A 132 1.35 -26.83 15.02
CA LEU A 132 2.28 -25.72 15.03
C LEU A 132 2.34 -25.04 16.41
N ALA A 133 1.17 -24.84 17.02
CA ALA A 133 1.09 -24.22 18.35
C ALA A 133 1.75 -25.10 19.41
N ALA A 134 1.49 -26.41 19.34
CA ALA A 134 2.09 -27.37 20.27
C ALA A 134 3.61 -27.41 20.17
N ALA A 135 4.13 -27.37 18.95
CA ALA A 135 5.58 -27.36 18.71
C ALA A 135 6.23 -26.09 19.27
N ALA A 136 5.54 -24.96 19.13
CA ALA A 136 6.02 -23.68 19.66
C ALA A 136 6.06 -23.69 21.18
N LYS A 137 5.01 -24.23 21.79
CA LYS A 137 4.90 -24.34 23.26
C LYS A 137 6.01 -25.21 23.83
N ALA A 138 6.31 -26.30 23.14
CA ALA A 138 7.35 -27.26 23.56
C ALA A 138 8.77 -26.70 23.47
N SER A 139 9.02 -25.84 22.48
CA SER A 139 10.35 -25.29 22.25
C SER A 139 10.57 -23.93 22.90
N GLY A 140 9.48 -23.23 23.24
CA GLY A 140 9.56 -21.86 23.76
C GLY A 140 9.97 -20.85 22.70
N GLN A 141 10.04 -21.31 21.45
CA GLN A 141 10.31 -20.46 20.29
C GLN A 141 9.11 -20.53 19.37
N THR A 142 9.12 -19.78 18.26
CA THR A 142 7.97 -19.71 17.38
C THR A 142 7.96 -20.80 16.30
N SER A 143 6.76 -21.24 15.93
CA SER A 143 6.54 -22.00 14.70
C SER A 143 6.24 -21.02 13.57
N ALA A 144 6.25 -21.50 12.33
CA ALA A 144 6.10 -20.59 11.18
C ALA A 144 5.10 -21.11 10.16
N VAL A 145 4.23 -20.22 9.68
CA VAL A 145 3.43 -20.46 8.49
C VAL A 145 3.95 -19.50 7.43
N ILE A 146 4.30 -20.02 6.26
CA ILE A 146 4.72 -19.16 5.15
C ILE A 146 3.85 -19.53 3.95
N SER A 147 3.15 -18.56 3.39
CA SER A 147 2.30 -18.81 2.24
C SER A 147 2.86 -18.11 1.00
N THR A 148 2.69 -18.74 -0.15
CA THR A 148 3.16 -18.16 -1.39
C THR A 148 2.11 -17.20 -1.97
N GLY A 149 2.46 -15.91 -2.05
CA GLY A 149 1.58 -14.91 -2.64
C GLY A 149 1.92 -14.71 -4.10
N SER A 150 1.78 -13.49 -4.58
CA SER A 150 2.13 -13.15 -5.97
C SER A 150 2.18 -11.65 -6.18
N ILE A 151 3.05 -11.21 -7.08
CA ILE A 151 2.94 -9.86 -7.64
C ILE A 151 1.48 -9.54 -7.99
N ALA A 152 0.75 -10.54 -8.51
CA ALA A 152 -0.64 -10.38 -8.92
C ALA A 152 -1.56 -9.98 -7.77
N GLY A 153 -1.18 -10.40 -6.56
CA GLY A 153 -1.92 -10.04 -5.35
C GLY A 153 -1.78 -8.56 -5.01
N HIS A 154 -0.81 -7.90 -5.62
CA HIS A 154 -0.65 -6.46 -5.48
C HIS A 154 -1.34 -5.69 -6.60
N THR A 155 -1.06 -6.07 -7.84
CA THR A 155 -1.44 -5.23 -8.96
C THR A 155 -2.59 -5.78 -9.83
N GLY A 156 -3.03 -7.00 -9.52
CA GLY A 156 -4.14 -7.64 -10.23
C GLY A 156 -3.67 -8.77 -11.12
N GLY A 157 -4.55 -9.75 -11.33
CA GLY A 157 -4.24 -10.87 -12.21
C GLY A 157 -4.12 -10.42 -13.66
N GLY A 158 -3.35 -11.19 -14.44
CA GLY A 158 -3.23 -10.96 -15.88
C GLY A 158 -4.47 -11.39 -16.63
N PRO A 159 -4.38 -11.46 -17.98
CA PRO A 159 -5.56 -11.79 -18.79
C PRO A 159 -6.11 -13.17 -18.45
N GLY A 160 -7.40 -13.23 -18.13
CA GLY A 160 -8.07 -14.47 -17.75
C GLY A 160 -7.75 -14.98 -16.35
N ALA A 161 -6.95 -14.19 -15.61
CA ALA A 161 -6.44 -14.59 -14.30
C ALA A 161 -6.94 -13.67 -13.18
N GLY A 162 -8.09 -13.03 -13.42
CA GLY A 162 -8.68 -12.12 -12.43
C GLY A 162 -8.88 -12.77 -11.07
N LEU A 163 -9.42 -13.99 -11.06
CA LEU A 163 -9.68 -14.71 -9.81
C LEU A 163 -8.40 -15.17 -9.13
N TYR A 164 -7.41 -15.55 -9.92
CA TYR A 164 -6.13 -15.98 -9.38
C TYR A 164 -5.41 -14.84 -8.64
N GLY A 165 -5.28 -13.69 -9.30
CA GLY A 165 -4.64 -12.52 -8.70
C GLY A 165 -5.35 -12.14 -7.42
N ALA A 166 -6.68 -12.12 -7.47
CA ALA A 166 -7.47 -11.70 -6.32
C ALA A 166 -7.41 -12.74 -5.20
N ALA A 167 -7.28 -14.02 -5.56
CA ALA A 167 -7.09 -15.08 -4.55
C ALA A 167 -5.78 -14.87 -3.81
N LYS A 168 -4.72 -14.47 -4.52
CA LYS A 168 -3.46 -14.16 -3.85
C LYS A 168 -3.59 -12.92 -2.95
N ALA A 169 -4.35 -11.93 -3.37
CA ALA A 169 -4.66 -10.76 -2.53
C ALA A 169 -5.38 -11.21 -1.26
N PHE A 170 -6.29 -12.17 -1.42
CA PHE A 170 -7.02 -12.77 -0.29
C PHE A 170 -6.04 -13.32 0.74
N LEU A 171 -5.08 -14.13 0.28
CA LEU A 171 -4.03 -14.70 1.14
C LEU A 171 -3.24 -13.60 1.86
N HIS A 172 -2.80 -12.59 1.10
CA HIS A 172 -2.05 -11.48 1.66
C HIS A 172 -2.82 -10.86 2.83
N ASN A 173 -4.13 -10.77 2.68
CA ASN A 173 -4.97 -10.18 3.71
C ASN A 173 -5.28 -11.12 4.87
N VAL A 174 -5.62 -12.38 4.58
CA VAL A 174 -6.06 -13.28 5.66
C VAL A 174 -4.95 -13.53 6.69
N HIS A 175 -3.69 -13.53 6.22
CA HIS A 175 -2.52 -13.61 7.11
C HIS A 175 -2.54 -12.54 8.20
N LYS A 176 -3.08 -11.36 7.88
N LYS A 176 -3.06 -11.35 7.87
CA LYS A 176 -3.15 -10.23 8.81
CA LYS A 176 -3.14 -10.24 8.81
C LYS A 176 -4.09 -10.50 9.99
C LYS A 176 -4.03 -10.60 10.00
N ASN A 177 -5.22 -11.12 9.71
CA ASN A 177 -6.14 -11.60 10.75
C ASN A 177 -5.48 -12.71 11.56
N TRP A 178 -4.80 -13.63 10.88
CA TRP A 178 -4.13 -14.75 11.56
C TRP A 178 -3.06 -14.29 12.54
N VAL A 179 -2.30 -13.25 12.15
CA VAL A 179 -1.30 -12.66 13.04
C VAL A 179 -1.96 -12.03 14.26
N ASP A 180 -3.04 -11.29 14.04
CA ASP A 180 -3.70 -10.58 15.14
C ASP A 180 -4.18 -11.52 16.22
N PHE A 181 -4.66 -12.69 15.83
CA PHE A 181 -5.30 -13.55 16.83
C PHE A 181 -4.62 -14.89 17.09
N HIS A 182 -3.54 -15.18 16.35
CA HIS A 182 -2.78 -16.40 16.60
C HIS A 182 -1.31 -16.22 16.89
N THR A 183 -0.87 -14.97 17.00
CA THR A 183 0.49 -14.69 17.48
C THR A 183 0.63 -15.27 18.90
N LYS A 184 -0.43 -15.13 19.69
CA LYS A 184 -0.44 -15.66 21.06
C LYS A 184 -0.26 -17.18 21.13
N ASP A 185 -0.49 -17.87 20.01
CA ASP A 185 -0.28 -19.32 19.92
C ASP A 185 1.16 -19.72 19.53
N GLY A 186 2.03 -18.74 19.39
CA GLY A 186 3.44 -18.98 19.10
C GLY A 186 3.74 -19.22 17.62
N VAL A 187 2.87 -18.75 16.75
CA VAL A 187 3.01 -18.97 15.31
C VAL A 187 3.20 -17.63 14.59
N ARG A 188 4.24 -17.54 13.77
CA ARG A 188 4.49 -16.37 12.91
C ARG A 188 3.99 -16.68 11.51
N PHE A 189 3.36 -15.69 10.87
CA PHE A 189 2.79 -15.86 9.52
C PHE A 189 3.45 -14.85 8.61
N ASN A 190 4.05 -15.32 7.51
CA ASN A 190 4.66 -14.44 6.53
C ASN A 190 4.44 -14.95 5.11
N ILE A 191 4.64 -14.07 4.13
CA ILE A 191 4.39 -14.42 2.74
C ILE A 191 5.61 -14.12 1.87
N VAL A 192 5.92 -15.07 0.99
CA VAL A 192 6.87 -14.86 -0.09
C VAL A 192 6.05 -14.68 -1.33
N SER A 193 6.26 -13.56 -2.00
CA SER A 193 5.44 -13.16 -3.15
C SER A 193 6.29 -13.11 -4.42
N PRO A 194 6.35 -14.24 -5.16
CA PRO A 194 7.13 -14.27 -6.41
C PRO A 194 6.54 -13.36 -7.46
N GLY A 195 7.42 -12.84 -8.33
CA GLY A 195 7.00 -12.02 -9.45
C GLY A 195 6.75 -12.92 -10.63
N THR A 196 7.66 -12.87 -11.59
CA THR A 196 7.59 -13.73 -12.76
C THR A 196 8.76 -14.71 -12.69
N VAL A 197 8.43 -15.99 -12.49
CA VAL A 197 9.44 -17.02 -12.19
C VAL A 197 9.36 -18.16 -13.20
N ASP A 198 10.53 -18.60 -13.66
CA ASP A 198 10.64 -19.58 -14.74
C ASP A 198 10.28 -21.01 -14.28
N THR A 199 8.99 -21.28 -14.16
CA THR A 199 8.48 -22.61 -13.79
C THR A 199 7.39 -23.05 -14.78
N ALA A 200 6.74 -24.17 -14.49
CA ALA A 200 5.62 -24.67 -15.30
C ALA A 200 4.46 -23.68 -15.35
N PHE A 201 4.38 -22.80 -14.35
CA PHE A 201 3.40 -21.71 -14.27
C PHE A 201 3.40 -20.84 -15.53
N HIS A 202 4.59 -20.59 -16.07
CA HIS A 202 4.73 -19.73 -17.26
C HIS A 202 5.18 -20.49 -18.52
N ALA A 203 5.10 -21.82 -18.48
CA ALA A 203 5.57 -22.68 -19.57
C ALA A 203 4.86 -22.45 -20.90
N ASP A 204 3.64 -21.89 -20.84
CA ASP A 204 2.82 -21.61 -22.01
C ASP A 204 3.19 -20.29 -22.72
N LYS A 205 4.05 -19.49 -22.09
CA LYS A 205 4.42 -18.19 -22.65
C LYS A 205 5.54 -18.32 -23.69
N THR A 206 5.24 -17.85 -24.90
CA THR A 206 6.22 -17.81 -25.99
C THR A 206 7.34 -16.82 -25.68
N GLN A 207 8.41 -16.86 -26.46
CA GLN A 207 9.59 -16.05 -26.21
C GLN A 207 9.31 -14.54 -26.23
N ASP A 208 8.55 -14.08 -27.22
CA ASP A 208 8.22 -12.66 -27.35
C ASP A 208 7.42 -12.10 -26.17
N VAL A 209 6.50 -12.92 -25.65
CA VAL A 209 5.70 -12.60 -24.47
C VAL A 209 6.57 -12.48 -23.22
N ARG A 210 7.47 -13.45 -23.03
CA ARG A 210 8.44 -13.45 -21.93
C ARG A 210 9.32 -12.20 -21.95
N ASP A 211 9.76 -11.82 -23.15
CA ASP A 211 10.61 -10.64 -23.34
C ASP A 211 9.88 -9.32 -23.10
N ARG A 212 8.59 -9.29 -23.42
CA ARG A 212 7.73 -8.15 -23.15
C ARG A 212 7.64 -7.91 -21.64
N ILE A 213 7.41 -8.99 -20.90
CA ILE A 213 7.33 -8.94 -19.44
C ILE A 213 8.66 -8.49 -18.84
N SER A 214 9.76 -9.08 -19.32
CA SER A 214 11.11 -8.75 -18.85
C SER A 214 11.47 -7.28 -19.05
N ASN A 215 10.85 -6.63 -20.03
CA ASN A 215 11.01 -5.19 -20.25
C ASN A 215 10.52 -4.33 -19.08
N GLY A 216 9.53 -4.84 -18.34
CA GLY A 216 9.02 -4.19 -17.13
C GLY A 216 9.71 -4.64 -15.86
N ILE A 217 10.74 -5.47 -16.01
CA ILE A 217 11.53 -5.94 -14.87
C ILE A 217 12.91 -5.27 -14.90
N PRO A 218 13.23 -4.43 -13.90
CA PRO A 218 14.55 -3.80 -13.85
C PRO A 218 15.74 -4.76 -14.02
N MET A 219 15.62 -5.98 -13.48
CA MET A 219 16.70 -6.96 -13.64
C MET A 219 16.70 -7.62 -15.01
N GLY A 220 15.68 -7.32 -15.80
CA GLY A 220 15.63 -7.71 -17.22
C GLY A 220 15.42 -9.18 -17.54
N ARG A 221 14.94 -9.95 -16.57
CA ARG A 221 14.75 -11.39 -16.73
C ARG A 221 13.76 -11.96 -15.72
N PHE A 222 13.23 -13.15 -16.04
CA PHE A 222 12.43 -13.95 -15.12
C PHE A 222 13.34 -14.43 -13.98
N GLY A 223 12.76 -14.60 -12.80
CA GLY A 223 13.49 -15.21 -11.70
C GLY A 223 13.54 -16.72 -11.85
N THR A 224 14.39 -17.37 -11.07
CA THR A 224 14.45 -18.83 -11.02
C THR A 224 13.77 -19.32 -9.75
N ALA A 225 13.37 -20.60 -9.74
CA ALA A 225 12.83 -21.22 -8.54
C ALA A 225 13.81 -21.11 -7.36
N GLU A 226 15.09 -21.28 -7.67
CA GLU A 226 16.16 -21.26 -6.67
C GLU A 226 16.30 -19.90 -5.99
N GLU A 227 16.00 -18.82 -6.72
CA GLU A 227 16.05 -17.46 -6.19
C GLU A 227 14.90 -17.16 -5.22
N MET A 228 13.89 -18.02 -5.21
CA MET A 228 12.77 -17.87 -4.27
C MET A 228 13.06 -18.54 -2.95
N ALA A 229 13.89 -19.59 -2.99
CA ALA A 229 14.01 -20.50 -1.84
C ALA A 229 14.57 -19.91 -0.54
N PRO A 230 15.68 -19.14 -0.62
CA PRO A 230 16.24 -18.60 0.64
C PRO A 230 15.25 -17.80 1.50
N ALA A 231 14.36 -17.02 0.89
CA ALA A 231 13.40 -16.23 1.66
C ALA A 231 12.50 -17.13 2.53
N PHE A 232 12.13 -18.29 2.00
CA PHE A 232 11.33 -19.26 2.76
C PHE A 232 12.08 -19.74 4.00
N LEU A 233 13.37 -20.08 3.85
CA LEU A 233 14.19 -20.50 4.99
C LEU A 233 14.33 -19.37 6.01
N PHE A 234 14.49 -18.15 5.50
CA PHE A 234 14.62 -16.96 6.33
C PHE A 234 13.38 -16.79 7.22
N PHE A 235 12.20 -16.85 6.62
CA PHE A 235 10.94 -16.72 7.38
C PHE A 235 10.68 -17.90 8.31
N ALA A 236 11.24 -19.06 7.99
CA ALA A 236 11.05 -20.27 8.80
C ALA A 236 11.92 -20.28 10.05
N SER A 237 13.06 -19.58 9.96
CA SER A 237 14.04 -19.56 11.03
C SER A 237 13.71 -18.54 12.12
N HIS A 238 13.44 -19.04 13.33
CA HIS A 238 13.21 -18.19 14.49
C HIS A 238 14.41 -17.28 14.78
N LEU A 239 15.62 -17.80 14.57
CA LEU A 239 16.83 -17.00 14.76
C LEU A 239 16.90 -15.83 13.79
N ALA A 240 16.48 -16.08 12.55
CA ALA A 240 16.58 -15.07 11.49
C ALA A 240 15.46 -14.05 11.54
N SER A 241 14.25 -14.50 11.86
CA SER A 241 13.06 -13.66 11.70
C SER A 241 12.07 -13.71 12.87
N GLY A 242 12.57 -14.00 14.07
CA GLY A 242 11.74 -14.14 15.26
C GLY A 242 10.81 -12.99 15.61
N TYR A 243 11.14 -11.78 15.17
CA TYR A 243 10.31 -10.58 15.43
C TYR A 243 9.58 -10.14 14.16
N ILE A 244 9.60 -10.99 13.15
CA ILE A 244 8.94 -10.70 11.87
C ILE A 244 7.70 -11.55 11.69
N THR A 245 6.55 -10.89 11.63
CA THR A 245 5.30 -11.57 11.34
C THR A 245 4.32 -10.62 10.68
N GLY A 246 3.48 -11.17 9.80
CA GLY A 246 2.46 -10.41 9.08
C GLY A 246 3.02 -9.62 7.90
N GLN A 247 4.11 -10.11 7.32
CA GLN A 247 4.76 -9.40 6.21
C GLN A 247 4.67 -10.14 4.88
N VAL A 248 4.79 -9.37 3.80
CA VAL A 248 4.80 -9.91 2.44
C VAL A 248 6.12 -9.45 1.84
N LEU A 249 6.94 -10.40 1.39
CA LEU A 249 8.22 -10.10 0.75
C LEU A 249 8.18 -10.48 -0.73
N ASP A 250 8.25 -9.48 -1.60
CA ASP A 250 8.17 -9.69 -3.06
C ASP A 250 9.55 -9.95 -3.66
N ILE A 251 9.62 -11.01 -4.46
CA ILE A 251 10.87 -11.46 -5.08
C ILE A 251 10.66 -11.44 -6.59
N ASN A 252 11.13 -10.35 -7.22
CA ASN A 252 10.67 -10.04 -8.56
C ASN A 252 11.60 -9.16 -9.40
N GLY A 253 12.87 -9.05 -8.99
CA GLY A 253 13.85 -8.27 -9.75
C GLY A 253 13.49 -6.80 -9.92
N GLY A 254 12.61 -6.30 -9.05
CA GLY A 254 12.18 -4.90 -9.06
C GLY A 254 10.90 -4.65 -9.84
N GLN A 255 10.26 -5.71 -10.32
CA GLN A 255 9.07 -5.62 -11.17
C GLN A 255 7.92 -4.89 -10.47
N TYR A 256 7.76 -5.15 -9.18
CA TYR A 256 6.83 -4.41 -8.34
C TYR A 256 7.54 -4.08 -7.04
N LYS A 257 7.47 -2.83 -6.61
CA LYS A 257 8.26 -2.39 -5.47
C LYS A 257 7.35 -2.24 -4.26
N HIS A 258 7.45 -3.22 -3.36
CA HIS A 258 6.59 -3.32 -2.20
C HIS A 258 7.40 -3.00 -0.95
N PHE B 2 25.51 -16.71 6.07
CA PHE B 2 25.63 -16.42 4.61
C PHE B 2 27.10 -16.46 4.20
N PRO B 3 27.50 -17.53 3.46
CA PRO B 3 28.91 -17.77 3.18
C PRO B 3 29.55 -16.73 2.24
N ASP B 4 28.73 -16.07 1.43
CA ASP B 4 29.24 -15.11 0.46
C ASP B 4 29.48 -13.72 1.05
N LEU B 5 29.29 -13.57 2.36
CA LEU B 5 29.58 -12.31 3.05
C LEU B 5 31.01 -12.22 3.58
N LYS B 6 31.71 -13.36 3.58
CA LYS B 6 33.12 -13.41 4.00
C LYS B 6 33.96 -12.49 3.12
N GLY B 7 34.65 -11.54 3.75
CA GLY B 7 35.52 -10.60 3.04
C GLY B 7 34.84 -9.40 2.41
N LYS B 8 33.51 -9.37 2.44
N LYS B 8 33.51 -9.37 2.44
CA LYS B 8 32.76 -8.25 1.86
CA LYS B 8 32.76 -8.25 1.87
C LYS B 8 33.01 -6.97 2.64
C LYS B 8 33.03 -6.97 2.64
N ARG B 9 33.11 -5.87 1.91
CA ARG B 9 33.43 -4.56 2.46
C ARG B 9 32.12 -3.82 2.68
N VAL B 10 31.77 -3.66 3.96
CA VAL B 10 30.42 -3.24 4.36
C VAL B 10 30.49 -1.96 5.18
N LEU B 11 30.05 -0.86 4.59
CA LEU B 11 29.99 0.42 5.28
C LEU B 11 28.61 0.58 5.91
N ILE B 12 28.57 0.71 7.23
CA ILE B 12 27.30 0.82 7.96
C ILE B 12 27.25 2.17 8.67
N THR B 13 26.45 3.09 8.16
CA THR B 13 26.34 4.39 8.81
C THR B 13 25.47 4.24 10.07
N GLY B 14 25.81 5.00 11.10
CA GLY B 14 25.08 4.94 12.37
C GLY B 14 25.23 3.59 13.06
N SER B 15 26.42 3.02 13.00
CA SER B 15 26.69 1.74 13.63
C SER B 15 27.45 1.85 14.95
N SER B 16 27.53 3.05 15.51
CA SER B 16 28.22 3.25 16.79
C SER B 16 27.44 2.70 17.97
N GLN B 17 26.16 2.46 17.75
CA GLN B 17 25.25 1.94 18.79
C GLN B 17 23.97 1.43 18.16
N GLY B 18 23.11 0.82 18.97
CA GLY B 18 21.77 0.43 18.54
C GLY B 18 21.73 -0.61 17.43
N ILE B 19 20.76 -0.44 16.54
CA ILE B 19 20.52 -1.36 15.43
C ILE B 19 21.76 -1.50 14.54
N GLY B 20 22.39 -0.38 14.23
CA GLY B 20 23.58 -0.36 13.38
C GLY B 20 24.72 -1.17 13.98
N LEU B 21 24.90 -1.06 15.29
CA LEU B 21 25.96 -1.81 15.99
C LEU B 21 25.66 -3.30 16.01
N ALA B 22 24.43 -3.66 16.41
CA ALA B 22 24.02 -5.07 16.41
C ALA B 22 24.22 -5.70 15.03
N THR B 23 23.87 -4.94 13.98
CA THR B 23 24.05 -5.37 12.61
C THR B 23 25.53 -5.54 12.26
N ALA B 24 26.34 -4.56 12.63
CA ALA B 24 27.79 -4.61 12.41
C ALA B 24 28.42 -5.86 13.04
N ARG B 25 28.03 -6.16 14.27
N ARG B 25 28.01 -6.18 14.27
CA ARG B 25 28.53 -7.35 14.97
CA ARG B 25 28.53 -7.35 14.97
C ARG B 25 28.24 -8.61 14.17
C ARG B 25 28.20 -8.65 14.26
N LEU B 26 27.01 -8.71 13.65
CA LEU B 26 26.60 -9.89 12.91
C LEU B 26 27.37 -10.01 11.57
N PHE B 27 27.60 -8.89 10.91
CA PHE B 27 28.41 -8.91 9.68
C PHE B 27 29.83 -9.40 9.93
N ALA B 28 30.41 -8.96 11.04
CA ALA B 28 31.78 -9.36 11.42
C ALA B 28 31.83 -10.85 11.73
N ARG B 29 30.82 -11.37 12.43
CA ARG B 29 30.71 -12.83 12.64
C ARG B 29 30.65 -13.61 11.34
N ALA B 30 30.13 -12.98 10.29
CA ALA B 30 30.08 -13.56 8.96
C ALA B 30 31.38 -13.35 8.17
N GLY B 31 32.36 -12.70 8.79
CA GLY B 31 33.67 -12.50 8.18
C GLY B 31 33.82 -11.24 7.33
N ALA B 32 32.86 -10.33 7.43
CA ALA B 32 32.91 -9.09 6.67
C ALA B 32 33.88 -8.07 7.27
N LYS B 33 34.33 -7.15 6.42
CA LYS B 33 35.15 -6.02 6.82
C LYS B 33 34.20 -4.85 6.96
N VAL B 34 34.03 -4.36 8.18
CA VAL B 34 32.94 -3.44 8.50
C VAL B 34 33.41 -2.02 8.82
N GLY B 35 32.79 -1.04 8.15
CA GLY B 35 32.98 0.37 8.46
C GLY B 35 32.01 0.79 9.54
N LEU B 36 32.54 1.03 10.73
CA LEU B 36 31.74 1.51 11.86
C LEU B 36 31.68 3.03 11.77
N HIS B 37 30.54 3.60 12.12
CA HIS B 37 30.33 5.04 11.98
C HIS B 37 29.33 5.65 12.96
N GLY B 38 29.63 6.87 13.39
CA GLY B 38 28.71 7.68 14.22
C GLY B 38 29.16 9.13 14.17
N ARG B 39 28.48 9.99 14.92
CA ARG B 39 28.91 11.39 15.03
C ARG B 39 30.09 11.50 15.99
N LYS B 40 30.12 10.60 16.98
CA LYS B 40 31.20 10.56 17.95
C LYS B 40 31.62 9.12 18.21
N ALA B 41 32.91 8.94 18.53
CA ALA B 41 33.42 7.62 18.90
C ALA B 41 32.80 7.19 20.22
N PRO B 42 32.22 5.98 20.26
CA PRO B 42 31.79 5.45 21.56
C PRO B 42 33.00 5.30 22.47
N ALA B 43 32.78 5.47 23.78
CA ALA B 43 33.85 5.45 24.78
C ALA B 43 34.66 4.13 24.78
N ASN B 44 34.08 3.08 24.22
CA ASN B 44 34.77 1.77 24.14
C ASN B 44 34.80 1.21 22.71
N ILE B 45 34.98 2.10 21.74
CA ILE B 45 35.02 1.72 20.32
C ILE B 45 36.09 0.67 19.98
N ASP B 46 37.26 0.77 20.63
CA ASP B 46 38.35 -0.18 20.38
C ASP B 46 38.02 -1.58 20.90
N GLU B 47 37.22 -1.65 21.95
CA GLU B 47 36.78 -2.95 22.48
C GLU B 47 35.77 -3.59 21.52
N THR B 48 34.88 -2.78 20.95
CA THR B 48 33.98 -3.24 19.90
C THR B 48 34.76 -3.80 18.70
N ILE B 49 35.74 -3.04 18.22
CA ILE B 49 36.59 -3.45 17.09
C ILE B 49 37.33 -4.77 17.38
N ALA B 50 37.90 -4.87 18.57
CA ALA B 50 38.59 -6.10 19.00
C ALA B 50 37.66 -7.32 18.97
N SER B 51 36.43 -7.14 19.47
CA SER B 51 35.43 -8.21 19.50
C SER B 51 35.01 -8.66 18.11
N MET B 52 34.90 -7.72 17.19
CA MET B 52 34.57 -8.00 15.79
C MET B 52 35.69 -8.77 15.08
N ARG B 53 36.93 -8.44 15.43
CA ARG B 53 38.08 -9.13 14.87
C ARG B 53 38.22 -10.55 15.44
N ALA B 54 37.96 -10.68 16.74
CA ALA B 54 37.95 -11.98 17.41
C ALA B 54 36.88 -12.91 16.82
N ASP B 55 35.79 -12.30 16.33
CA ASP B 55 34.68 -13.04 15.73
C ASP B 55 34.94 -13.47 14.28
N GLY B 56 36.05 -13.02 13.71
CA GLY B 56 36.46 -13.43 12.37
C GLY B 56 36.29 -12.39 11.27
N GLY B 57 35.97 -11.17 11.65
CA GLY B 57 35.84 -10.09 10.68
C GLY B 57 36.90 -9.02 10.87
N ASP B 58 36.63 -7.82 10.36
CA ASP B 58 37.48 -6.67 10.62
C ASP B 58 36.59 -5.44 10.75
N ALA B 59 37.14 -4.37 11.32
CA ALA B 59 36.38 -3.16 11.61
C ALA B 59 37.28 -1.95 11.74
N ALA B 60 36.77 -0.81 11.30
CA ALA B 60 37.42 0.47 11.52
C ALA B 60 36.35 1.53 11.74
N PHE B 61 36.61 2.48 12.63
CA PHE B 61 35.64 3.52 12.97
C PHE B 61 35.93 4.84 12.27
N PHE B 62 34.85 5.47 11.79
CA PHE B 62 34.93 6.77 11.12
C PHE B 62 33.87 7.69 11.74
N ALA B 63 34.28 8.89 12.13
CA ALA B 63 33.35 9.87 12.67
C ALA B 63 32.94 10.85 11.58
N ALA B 64 31.64 11.11 11.49
CA ALA B 64 31.09 12.06 10.53
C ALA B 64 29.66 12.43 10.90
N ASP B 65 29.34 13.72 10.78
CA ASP B 65 27.96 14.16 10.82
C ASP B 65 27.49 14.24 9.37
N LEU B 66 26.61 13.32 8.99
CA LEU B 66 26.23 13.15 7.60
C LEU B 66 25.14 14.13 7.14
N ALA B 67 24.87 15.14 7.97
CA ALA B 67 23.94 16.22 7.60
C ALA B 67 24.45 17.09 6.46
N THR B 68 25.74 17.00 6.16
CA THR B 68 26.31 17.73 5.00
C THR B 68 26.89 16.78 3.96
N SER B 69 26.83 17.19 2.69
N SER B 69 26.83 17.18 2.69
CA SER B 69 27.33 16.39 1.57
CA SER B 69 27.33 16.39 1.57
C SER B 69 28.83 16.15 1.65
C SER B 69 28.83 16.14 1.67
N GLU B 70 29.57 17.17 2.08
CA GLU B 70 31.02 17.09 2.23
C GLU B 70 31.43 15.96 3.19
N ALA B 71 30.69 15.84 4.29
CA ALA B 71 30.93 14.79 5.29
C ALA B 71 30.61 13.40 4.72
N CYS B 72 29.53 13.32 3.95
CA CYS B 72 29.17 12.06 3.25
C CYS B 72 30.26 11.61 2.27
N GLN B 73 30.78 12.56 1.49
N GLN B 73 30.77 12.56 1.48
CA GLN B 73 31.86 12.30 0.53
CA GLN B 73 31.87 12.28 0.54
C GLN B 73 33.13 11.84 1.25
C GLN B 73 33.11 11.80 1.27
N GLN B 74 33.46 12.51 2.35
CA GLN B 74 34.64 12.19 3.14
C GLN B 74 34.55 10.80 3.80
N LEU B 75 33.37 10.46 4.32
CA LEU B 75 33.18 9.13 4.89
C LEU B 75 33.44 8.04 3.85
N VAL B 76 32.84 8.20 2.66
CA VAL B 76 32.99 7.23 1.57
C VAL B 76 34.46 7.10 1.15
N ASP B 77 35.12 8.24 0.95
CA ASP B 77 36.54 8.24 0.59
C ASP B 77 37.43 7.57 1.63
N GLU B 78 37.20 7.88 2.91
CA GLU B 78 37.98 7.29 4.00
C GLU B 78 37.78 5.78 4.04
N PHE B 79 36.52 5.35 3.90
CA PHE B 79 36.21 3.92 3.91
C PHE B 79 36.92 3.20 2.76
N VAL B 80 36.84 3.78 1.57
CA VAL B 80 37.50 3.22 0.37
C VAL B 80 39.03 3.18 0.52
N ALA B 81 39.60 4.26 1.06
CA ALA B 81 41.04 4.29 1.35
C ALA B 81 41.45 3.15 2.28
N LYS B 82 40.61 2.86 3.27
CA LYS B 82 40.88 1.86 4.29
C LYS B 82 40.75 0.42 3.77
N PHE B 83 39.63 0.12 3.11
CA PHE B 83 39.31 -1.26 2.73
C PHE B 83 39.43 -1.55 1.24
N GLY B 84 39.64 -0.52 0.43
CA GLY B 84 39.93 -0.70 -1.00
C GLY B 84 38.74 -0.75 -1.92
N GLY B 85 37.53 -0.61 -1.36
CA GLY B 85 36.30 -0.62 -2.16
C GLY B 85 35.07 -0.77 -1.27
N ILE B 86 33.90 -0.80 -1.90
CA ILE B 86 32.63 -1.01 -1.19
C ILE B 86 31.76 -2.04 -1.90
N ASP B 87 31.31 -3.04 -1.14
CA ASP B 87 30.41 -4.07 -1.64
C ASP B 87 28.97 -3.83 -1.16
N VAL B 88 28.85 -3.30 0.06
CA VAL B 88 27.55 -3.08 0.69
C VAL B 88 27.56 -1.74 1.42
N LEU B 89 26.54 -0.91 1.14
CA LEU B 89 26.29 0.30 1.91
C LEU B 89 25.02 0.12 2.71
N ILE B 90 25.09 0.36 4.01
CA ILE B 90 23.90 0.37 4.86
C ILE B 90 23.69 1.78 5.40
N ASN B 91 22.62 2.42 4.93
CA ASN B 91 22.24 3.78 5.33
C ASN B 91 21.35 3.69 6.56
N ASN B 92 21.99 3.65 7.73
CA ASN B 92 21.28 3.44 8.99
C ASN B 92 21.30 4.68 9.89
N ALA B 93 22.25 5.59 9.65
CA ALA B 93 22.30 6.85 10.37
C ALA B 93 21.00 7.63 10.20
N GLY B 94 20.48 8.15 11.30
CA GLY B 94 19.24 8.92 11.28
C GLY B 94 18.71 9.02 12.68
N GLY B 95 17.61 9.75 12.84
CA GLY B 95 16.97 9.91 14.14
C GLY B 95 15.96 11.02 14.15
N LEU B 96 15.26 11.14 15.25
CA LEU B 96 14.21 12.15 15.39
C LEU B 96 14.74 13.59 15.36
N VAL B 97 15.96 13.78 15.89
CA VAL B 97 16.58 15.09 16.13
C VAL B 97 15.90 15.82 17.30
N GLY B 98 14.58 15.89 17.23
CA GLY B 98 13.76 16.47 18.30
C GLY B 98 12.29 16.23 18.02
N ARG B 99 11.43 16.60 18.95
CA ARG B 99 9.99 16.50 18.75
C ARG B 99 9.39 17.89 18.79
N LYS B 100 8.85 18.32 17.65
CA LYS B 100 8.15 19.59 17.57
C LYS B 100 6.86 19.41 16.77
N PRO B 101 5.73 19.83 17.36
CA PRO B 101 4.46 19.77 16.64
C PRO B 101 4.49 20.75 15.48
N LEU B 102 3.59 20.57 14.52
CA LEU B 102 3.55 21.40 13.31
C LEU B 102 3.67 22.91 13.57
N PRO B 103 2.89 23.47 14.54
CA PRO B 103 3.00 24.91 14.79
C PRO B 103 4.41 25.37 15.19
N GLU B 104 5.23 24.45 15.70
CA GLU B 104 6.58 24.77 16.15
C GLU B 104 7.68 24.36 15.17
N ILE B 105 7.28 23.88 13.99
CA ILE B 105 8.25 23.47 12.97
C ILE B 105 8.76 24.68 12.21
N ASP B 106 9.93 25.17 12.60
CA ASP B 106 10.55 26.31 11.93
C ASP B 106 11.65 25.83 10.98
N ASP B 107 12.26 26.75 10.23
CA ASP B 107 13.28 26.39 9.22
C ASP B 107 14.46 25.63 9.82
N THR B 108 14.98 26.11 10.95
CA THR B 108 16.14 25.44 11.55
C THR B 108 15.83 23.99 11.93
N PHE B 109 14.67 23.75 12.55
CA PHE B 109 14.30 22.38 12.92
C PHE B 109 14.07 21.53 11.68
N TYR B 110 13.29 22.08 10.75
CA TYR B 110 13.04 21.42 9.46
C TYR B 110 14.37 21.00 8.81
N ASP B 111 15.28 21.96 8.63
CA ASP B 111 16.60 21.66 8.06
C ASP B 111 17.32 20.54 8.82
N ALA B 112 17.32 20.62 10.16
CA ALA B 112 17.98 19.61 10.98
C ALA B 112 17.46 18.20 10.73
N VAL B 113 16.14 18.03 10.74
CA VAL B 113 15.53 16.71 10.54
C VAL B 113 15.76 16.21 9.11
N MET B 114 15.58 17.11 8.15
CA MET B 114 15.64 16.73 6.75
C MET B 114 17.08 16.41 6.31
N ASP B 115 18.04 17.18 6.81
CA ASP B 115 19.45 16.91 6.53
C ASP B 115 19.91 15.60 7.15
N ALA B 116 19.51 15.35 8.41
CA ALA B 116 19.98 14.16 9.12
C ALA B 116 19.43 12.88 8.52
N ASN B 117 18.19 12.94 8.03
CA ASN B 117 17.45 11.75 7.63
C ASN B 117 17.34 11.50 6.14
N ILE B 118 17.43 12.57 5.34
CA ILE B 118 17.27 12.46 3.89
C ILE B 118 18.57 12.81 3.14
N ARG B 119 19.10 14.00 3.37
CA ARG B 119 20.30 14.43 2.66
C ARG B 119 21.44 13.44 2.90
N SER B 120 21.55 12.97 4.15
CA SER B 120 22.54 11.97 4.53
C SER B 120 22.45 10.74 3.64
N VAL B 121 21.24 10.22 3.44
CA VAL B 121 21.05 8.99 2.68
C VAL B 121 21.32 9.21 1.19
N VAL B 122 20.74 10.29 0.65
CA VAL B 122 20.87 10.62 -0.76
C VAL B 122 22.35 10.82 -1.14
N MET B 123 23.06 11.60 -0.35
CA MET B 123 24.45 11.92 -0.69
C MET B 123 25.42 10.77 -0.43
N THR B 124 25.27 10.06 0.68
CA THR B 124 26.13 8.89 0.94
C THR B 124 25.96 7.83 -0.16
N THR B 125 24.72 7.59 -0.56
CA THR B 125 24.45 6.64 -1.63
C THR B 125 25.07 7.13 -2.94
N LYS B 126 24.90 8.42 -3.23
CA LYS B 126 25.48 9.01 -4.46
C LYS B 126 26.98 8.77 -4.54
N PHE B 127 27.69 9.09 -3.46
CA PHE B 127 29.14 8.96 -3.43
C PHE B 127 29.62 7.52 -3.40
N ALA B 128 28.83 6.64 -2.77
CA ALA B 128 29.18 5.22 -2.71
C ALA B 128 28.91 4.49 -4.03
N LEU B 129 27.95 5.00 -4.81
CA LEU B 129 27.44 4.31 -6.00
C LEU B 129 28.52 3.86 -7.03
N PRO B 130 29.45 4.75 -7.42
CA PRO B 130 30.48 4.32 -8.38
C PRO B 130 31.32 3.16 -7.85
N HIS B 131 31.59 3.14 -6.56
CA HIS B 131 32.35 2.08 -5.91
C HIS B 131 31.56 0.77 -5.87
N LEU B 132 30.29 0.87 -5.46
CA LEU B 132 29.38 -0.28 -5.48
C LEU B 132 29.27 -0.88 -6.89
N ALA B 133 29.14 -0.02 -7.90
CA ALA B 133 29.02 -0.46 -9.28
C ALA B 133 30.29 -1.17 -9.75
N ALA B 134 31.45 -0.59 -9.42
CA ALA B 134 32.76 -1.19 -9.77
C ALA B 134 32.94 -2.58 -9.14
N ALA B 135 32.54 -2.72 -7.89
CA ALA B 135 32.63 -4.01 -7.18
C ALA B 135 31.73 -5.08 -7.81
N ALA B 136 30.53 -4.67 -8.23
CA ALA B 136 29.59 -5.56 -8.90
C ALA B 136 30.14 -6.03 -10.26
N LYS B 137 30.72 -5.09 -10.99
CA LYS B 137 31.32 -5.35 -12.30
C LYS B 137 32.47 -6.35 -12.19
N ALA B 138 33.27 -6.20 -11.13
CA ALA B 138 34.43 -7.06 -10.89
C ALA B 138 34.07 -8.49 -10.49
N SER B 139 32.98 -8.65 -9.76
CA SER B 139 32.55 -9.97 -9.29
C SER B 139 31.54 -10.65 -10.22
N GLY B 140 30.85 -9.87 -11.04
CA GLY B 140 29.77 -10.39 -11.88
C GLY B 140 28.54 -10.75 -11.07
N GLN B 141 28.53 -10.33 -9.80
CA GLN B 141 27.38 -10.46 -8.91
C GLN B 141 27.02 -9.08 -8.40
N THR B 142 25.90 -8.97 -7.70
CA THR B 142 25.38 -7.66 -7.29
C THR B 142 26.03 -7.10 -6.03
N SER B 143 26.14 -5.77 -5.98
CA SER B 143 26.43 -5.04 -4.75
C SER B 143 25.08 -4.67 -4.13
N ALA B 144 25.10 -4.20 -2.89
CA ALA B 144 23.85 -3.93 -2.16
C ALA B 144 23.84 -2.60 -1.42
N VAL B 145 22.73 -1.88 -1.54
CA VAL B 145 22.43 -0.73 -0.70
C VAL B 145 21.24 -1.15 0.14
N ILE B 146 21.35 -1.01 1.45
CA ILE B 146 20.22 -1.28 2.34
C ILE B 146 20.05 -0.06 3.22
N SER B 147 18.85 0.50 3.22
CA SER B 147 18.57 1.67 4.03
C SER B 147 17.56 1.32 5.11
N THR B 148 17.73 1.95 6.27
CA THR B 148 16.83 1.74 7.38
C THR B 148 15.61 2.65 7.26
N GLY B 149 14.43 2.05 7.10
CA GLY B 149 13.18 2.80 7.04
C GLY B 149 12.53 2.85 8.41
N SER B 150 11.21 2.81 8.45
CA SER B 150 10.48 2.81 9.72
C SER B 150 9.02 2.49 9.50
N ILE B 151 8.41 1.82 10.48
CA ILE B 151 6.95 1.76 10.54
C ILE B 151 6.33 3.15 10.28
N ALA B 152 6.98 4.20 10.78
CA ALA B 152 6.48 5.58 10.63
C ALA B 152 6.40 6.00 9.17
N GLY B 153 7.25 5.39 8.34
CA GLY B 153 7.25 5.67 6.92
C GLY B 153 6.03 5.10 6.23
N HIS B 154 5.31 4.21 6.92
CA HIS B 154 4.04 3.67 6.44
C HIS B 154 2.85 4.45 6.98
N THR B 155 2.82 4.64 8.29
CA THR B 155 1.59 5.12 8.94
C THR B 155 1.66 6.55 9.47
N GLY B 156 2.84 7.14 9.42
CA GLY B 156 3.06 8.53 9.83
C GLY B 156 3.87 8.63 11.11
N GLY B 157 4.56 9.74 11.28
CA GLY B 157 5.36 9.98 12.48
C GLY B 157 4.46 10.18 13.69
N GLY B 158 5.00 9.88 14.86
CA GLY B 158 4.30 10.12 16.12
C GLY B 158 4.29 11.59 16.53
N PRO B 159 3.90 11.88 17.78
CA PRO B 159 3.82 13.27 18.26
C PRO B 159 5.14 14.03 18.11
N GLY B 160 5.09 15.15 17.39
CA GLY B 160 6.28 15.97 17.14
C GLY B 160 7.28 15.38 16.15
N ALA B 161 6.90 14.25 15.53
CA ALA B 161 7.79 13.49 14.66
C ALA B 161 7.28 13.42 13.22
N GLY B 162 6.45 14.39 12.84
CA GLY B 162 5.86 14.43 11.50
C GLY B 162 6.91 14.40 10.40
N LEU B 163 7.97 15.18 10.57
CA LEU B 163 9.02 15.26 9.56
C LEU B 163 9.85 13.99 9.50
N TYR B 164 10.08 13.37 10.66
CA TYR B 164 10.83 12.12 10.73
C TYR B 164 10.11 10.97 9.99
N GLY B 165 8.84 10.77 10.31
CA GLY B 165 8.04 9.74 9.67
C GLY B 165 8.04 9.94 8.16
N ALA B 166 7.83 11.19 7.75
CA ALA B 166 7.73 11.51 6.33
C ALA B 166 9.09 11.38 5.63
N ALA B 167 10.17 11.66 6.37
CA ALA B 167 11.53 11.44 5.85
C ALA B 167 11.78 9.95 5.57
N LYS B 168 11.27 9.08 6.44
CA LYS B 168 11.40 7.64 6.19
C LYS B 168 10.56 7.21 4.99
N ALA B 169 9.38 7.81 4.82
CA ALA B 169 8.54 7.57 3.63
C ALA B 169 9.30 8.00 2.38
N PHE B 170 10.00 9.13 2.48
CA PHE B 170 10.86 9.61 1.39
C PHE B 170 11.87 8.54 0.98
N LEU B 171 12.57 7.97 1.96
CA LEU B 171 13.54 6.89 1.71
C LEU B 171 12.88 5.69 1.02
N HIS B 172 11.73 5.27 1.55
CA HIS B 172 10.99 4.14 0.97
C HIS B 172 10.73 4.39 -0.50
N ASN B 173 10.42 5.63 -0.85
CA ASN B 173 10.11 5.97 -2.23
C ASN B 173 11.34 6.14 -3.10
N VAL B 174 12.36 6.84 -2.60
CA VAL B 174 13.51 7.17 -3.47
C VAL B 174 14.23 5.91 -3.93
N HIS B 175 14.23 4.87 -3.08
CA HIS B 175 14.79 3.58 -3.44
C HIS B 175 14.18 3.03 -4.74
N LYS B 176 12.90 3.34 -4.95
N LYS B 176 12.89 3.32 -4.94
CA LYS B 176 12.16 2.84 -6.13
CA LYS B 176 12.17 2.84 -6.13
C LYS B 176 12.69 3.44 -7.43
C LYS B 176 12.79 3.41 -7.39
N ASN B 177 13.02 4.72 -7.39
CA ASN B 177 13.70 5.40 -8.51
C ASN B 177 15.10 4.83 -8.72
N TRP B 178 15.82 4.61 -7.61
CA TRP B 178 17.18 4.07 -7.68
C TRP B 178 17.20 2.68 -8.31
N VAL B 179 16.22 1.86 -7.98
CA VAL B 179 16.09 0.53 -8.59
C VAL B 179 15.83 0.65 -10.09
N ASP B 180 14.93 1.54 -10.48
CA ASP B 180 14.56 1.67 -11.89
C ASP B 180 15.75 2.03 -12.77
N PHE B 181 16.65 2.86 -12.24
CA PHE B 181 17.72 3.38 -13.11
C PHE B 181 19.13 2.96 -12.73
N HIS B 182 19.28 2.23 -11.62
CA HIS B 182 20.61 1.75 -11.25
C HIS B 182 20.76 0.25 -11.05
N THR B 183 19.69 -0.49 -11.35
CA THR B 183 19.78 -1.95 -11.39
C THR B 183 20.82 -2.33 -12.46
N LYS B 184 20.82 -1.59 -13.56
CA LYS B 184 21.79 -1.80 -14.65
C LYS B 184 23.24 -1.62 -14.21
N ASP B 185 23.46 -0.95 -13.09
CA ASP B 185 24.80 -0.79 -12.51
C ASP B 185 25.24 -1.91 -11.57
N GLY B 186 24.38 -2.92 -11.43
CA GLY B 186 24.68 -4.10 -10.61
C GLY B 186 24.44 -3.91 -9.12
N VAL B 187 23.60 -2.94 -8.77
CA VAL B 187 23.32 -2.64 -7.36
C VAL B 187 21.85 -2.92 -7.06
N ARG B 188 21.62 -3.67 -5.98
CA ARG B 188 20.27 -3.94 -5.47
C ARG B 188 20.01 -3.00 -4.28
N PHE B 189 18.79 -2.48 -4.20
CA PHE B 189 18.42 -1.54 -3.15
C PHE B 189 17.25 -2.13 -2.39
N ASN B 190 17.38 -2.24 -1.07
CA ASN B 190 16.29 -2.74 -0.23
C ASN B 190 16.26 -2.02 1.10
N ILE B 191 15.14 -2.15 1.82
CA ILE B 191 14.96 -1.45 3.07
C ILE B 191 14.54 -2.41 4.19
N VAL B 192 15.14 -2.23 5.36
CA VAL B 192 14.70 -2.86 6.60
C VAL B 192 13.99 -1.77 7.37
N SER B 193 12.75 -2.04 7.74
CA SER B 193 11.88 -1.06 8.37
C SER B 193 11.52 -1.50 9.78
N PRO B 194 12.31 -1.08 10.78
CA PRO B 194 12.02 -1.46 12.16
C PRO B 194 10.73 -0.85 12.66
N GLY B 195 10.06 -1.54 13.56
CA GLY B 195 8.85 -1.02 14.19
C GLY B 195 9.26 -0.23 15.40
N THR B 196 9.02 -0.81 16.57
CA THR B 196 9.41 -0.20 17.84
C THR B 196 10.51 -1.07 18.45
N VAL B 197 11.72 -0.52 18.53
CA VAL B 197 12.90 -1.29 18.91
C VAL B 197 13.58 -0.66 20.12
N ASP B 198 14.02 -1.52 21.04
CA ASP B 198 14.58 -1.09 22.32
C ASP B 198 16.02 -0.57 22.18
N THR B 199 16.14 0.67 21.71
CA THR B 199 17.43 1.36 21.57
C THR B 199 17.33 2.74 22.20
N ALA B 200 18.39 3.54 22.06
CA ALA B 200 18.40 4.93 22.54
C ALA B 200 17.30 5.80 21.92
N PHE B 201 16.84 5.37 20.74
CA PHE B 201 15.74 6.01 20.01
C PHE B 201 14.50 6.16 20.89
N HIS B 202 14.23 5.15 21.72
CA HIS B 202 13.04 5.14 22.57
C HIS B 202 13.36 5.25 24.07
N ALA B 203 14.59 5.63 24.39
CA ALA B 203 15.07 5.69 25.78
C ALA B 203 14.33 6.71 26.66
N ASP B 204 13.67 7.67 26.01
CA ASP B 204 12.91 8.72 26.71
C ASP B 204 11.48 8.29 27.03
N LYS B 205 11.09 7.09 26.62
CA LYS B 205 9.74 6.60 26.87
C LYS B 205 9.62 5.90 28.22
N THR B 206 8.70 6.41 29.05
CA THR B 206 8.40 5.81 30.36
C THR B 206 7.76 4.43 30.18
N GLN B 207 7.78 3.63 31.24
CA GLN B 207 7.31 2.24 31.18
C GLN B 207 5.84 2.10 30.77
N ASP B 208 5.01 3.04 31.23
CA ASP B 208 3.58 3.04 30.89
C ASP B 208 3.31 3.37 29.42
N VAL B 209 4.13 4.23 28.83
CA VAL B 209 4.06 4.56 27.41
C VAL B 209 4.51 3.37 26.55
N ARG B 210 5.56 2.69 27.01
CA ARG B 210 6.11 1.51 26.33
C ARG B 210 5.12 0.34 26.24
N ASP B 211 4.43 0.07 27.34
N ASP B 211 4.43 0.05 27.35
CA ASP B 211 3.44 -1.02 27.41
CA ASP B 211 3.45 -1.05 27.36
C ASP B 211 2.16 -0.70 26.66
C ASP B 211 2.16 -0.70 26.62
N ARG B 212 1.88 0.60 26.48
CA ARG B 212 0.73 1.07 25.71
C ARG B 212 0.96 0.83 24.21
N ILE B 213 2.18 1.10 23.75
CA ILE B 213 2.60 0.78 22.38
C ILE B 213 2.56 -0.74 22.18
N SER B 214 3.09 -1.48 23.16
CA SER B 214 3.11 -2.94 23.11
C SER B 214 1.71 -3.57 22.99
N ASN B 215 0.70 -2.87 23.50
CA ASN B 215 -0.71 -3.30 23.33
C ASN B 215 -1.15 -3.36 21.87
N GLY B 216 -0.54 -2.54 21.02
CA GLY B 216 -0.81 -2.55 19.58
C GLY B 216 0.14 -3.45 18.81
N ILE B 217 1.00 -4.18 19.51
CA ILE B 217 1.93 -5.12 18.91
C ILE B 217 1.48 -6.54 19.23
N PRO B 218 1.09 -7.32 18.19
CA PRO B 218 0.70 -8.72 18.40
C PRO B 218 1.68 -9.54 19.24
N MET B 219 2.98 -9.33 19.06
CA MET B 219 3.99 -10.02 19.86
C MET B 219 4.14 -9.45 21.27
N GLY B 220 3.45 -8.34 21.53
CA GLY B 220 3.30 -7.79 22.89
C GLY B 220 4.54 -7.21 23.54
N ARG B 221 5.52 -6.82 22.72
CA ARG B 221 6.79 -6.29 23.21
C ARG B 221 7.54 -5.51 22.12
N PHE B 222 8.45 -4.64 22.55
CA PHE B 222 9.43 -3.99 21.67
C PHE B 222 10.36 -5.04 21.09
N GLY B 223 10.88 -4.78 19.89
CA GLY B 223 11.94 -5.61 19.33
C GLY B 223 13.29 -5.26 19.93
N THR B 224 14.26 -6.15 19.73
CA THR B 224 15.64 -5.87 20.13
C THR B 224 16.44 -5.48 18.89
N ALA B 225 17.56 -4.78 19.10
CA ALA B 225 18.48 -4.48 17.99
C ALA B 225 18.93 -5.75 17.25
N GLU B 226 19.15 -6.83 18.01
CA GLU B 226 19.61 -8.11 17.47
C GLU B 226 18.59 -8.75 16.53
N GLU B 227 17.31 -8.50 16.80
CA GLU B 227 16.23 -9.02 15.95
C GLU B 227 16.13 -8.32 14.59
N MET B 228 16.80 -7.17 14.48
CA MET B 228 16.84 -6.43 13.21
C MET B 228 17.96 -6.92 12.31
N ALA B 229 19.02 -7.46 12.91
CA ALA B 229 20.27 -7.66 12.20
C ALA B 229 20.26 -8.69 11.07
N PRO B 230 19.65 -9.88 11.29
CA PRO B 230 19.68 -10.88 10.22
C PRO B 230 19.10 -10.41 8.88
N ALA B 231 18.05 -9.59 8.89
CA ALA B 231 17.47 -9.08 7.64
C ALA B 231 18.48 -8.30 6.80
N PHE B 232 19.34 -7.53 7.47
CA PHE B 232 20.38 -6.76 6.79
C PHE B 232 21.36 -7.69 6.07
N LEU B 233 21.78 -8.76 6.76
CA LEU B 233 22.68 -9.75 6.12
C LEU B 233 21.99 -10.44 4.95
N PHE B 234 20.70 -10.75 5.12
CA PHE B 234 19.89 -11.37 4.07
C PHE B 234 19.89 -10.50 2.81
N PHE B 235 19.56 -9.22 2.95
CA PHE B 235 19.55 -8.29 1.82
C PHE B 235 20.93 -8.03 1.22
N ALA B 236 21.97 -8.18 2.04
CA ALA B 236 23.35 -7.96 1.58
C ALA B 236 23.89 -9.13 0.78
N SER B 237 23.37 -10.32 1.07
CA SER B 237 23.84 -11.55 0.43
C SER B 237 23.25 -11.79 -0.95
N HIS B 238 24.11 -11.76 -1.98
CA HIS B 238 23.69 -12.07 -3.33
C HIS B 238 23.09 -13.48 -3.44
N LEU B 239 23.65 -14.43 -2.70
CA LEU B 239 23.12 -15.80 -2.71
C LEU B 239 21.71 -15.88 -2.14
N ALA B 240 21.45 -15.08 -1.12
CA ALA B 240 20.16 -15.12 -0.41
C ALA B 240 19.08 -14.32 -1.11
N SER B 241 19.46 -13.18 -1.69
CA SER B 241 18.47 -12.22 -2.18
C SER B 241 18.79 -11.62 -3.55
N GLY B 242 19.52 -12.38 -4.38
CA GLY B 242 19.95 -11.90 -5.69
C GLY B 242 18.90 -11.39 -6.65
N TYR B 243 17.66 -11.87 -6.50
CA TYR B 243 16.55 -11.42 -7.34
C TYR B 243 15.59 -10.49 -6.57
N ILE B 244 16.03 -10.04 -5.40
CA ILE B 244 15.23 -9.14 -4.58
C ILE B 244 15.79 -7.72 -4.62
N THR B 245 14.99 -6.81 -5.14
CA THR B 245 15.35 -5.40 -5.13
C THR B 245 14.11 -4.52 -5.14
N GLY B 246 14.22 -3.38 -4.48
CA GLY B 246 13.14 -2.38 -4.41
C GLY B 246 12.08 -2.73 -3.38
N GLN B 247 12.48 -3.47 -2.34
CA GLN B 247 11.52 -3.94 -1.33
C GLN B 247 11.75 -3.32 0.03
N VAL B 248 10.68 -3.32 0.83
CA VAL B 248 10.72 -2.81 2.20
C VAL B 248 10.23 -3.97 3.07
N LEU B 249 11.06 -4.37 4.04
CA LEU B 249 10.72 -5.47 4.95
C LEU B 249 10.58 -4.92 6.36
N ASP B 250 9.35 -4.97 6.89
CA ASP B 250 9.04 -4.44 8.21
C ASP B 250 9.26 -5.48 9.31
N ILE B 251 9.98 -5.07 10.35
CA ILE B 251 10.35 -5.96 11.46
C ILE B 251 9.78 -5.32 12.73
N ASN B 252 8.64 -5.85 13.15
CA ASN B 252 7.82 -5.12 14.12
C ASN B 252 6.84 -5.95 14.93
N GLY B 253 7.03 -7.28 14.96
CA GLY B 253 6.17 -8.16 15.76
C GLY B 253 4.69 -8.10 15.39
N GLY B 254 4.41 -7.68 14.15
CA GLY B 254 3.06 -7.59 13.63
C GLY B 254 2.38 -6.24 13.80
N GLN B 255 3.12 -5.26 14.33
CA GLN B 255 2.57 -3.93 14.63
C GLN B 255 1.99 -3.23 13.41
N TYR B 256 2.67 -3.39 12.27
CA TYR B 256 2.14 -2.96 11.00
C TYR B 256 2.38 -4.07 9.99
N LYS B 257 1.35 -4.41 9.22
CA LYS B 257 1.44 -5.57 8.34
C LYS B 257 1.61 -5.08 6.91
N HIS B 258 2.84 -5.19 6.42
CA HIS B 258 3.22 -4.69 5.11
C HIS B 258 3.46 -5.88 4.20
N PHE C 2 -21.21 21.41 -5.29
CA PHE C 2 -21.59 21.23 -3.85
C PHE C 2 -22.02 22.58 -3.26
N PRO C 3 -23.25 22.63 -2.70
CA PRO C 3 -23.86 23.90 -2.29
C PRO C 3 -23.13 24.58 -1.13
N ASP C 4 -22.47 23.79 -0.28
CA ASP C 4 -21.81 24.33 0.90
C ASP C 4 -20.45 24.98 0.61
N LEU C 5 -20.09 25.07 -0.67
CA LEU C 5 -18.86 25.76 -1.07
C LEU C 5 -19.04 27.25 -1.37
N LYS C 6 -20.31 27.68 -1.47
N LYS C 6 -20.30 27.69 -1.49
CA LYS C 6 -20.64 29.09 -1.69
CA LYS C 6 -20.59 29.10 -1.76
C LYS C 6 -20.07 29.96 -0.57
C LYS C 6 -20.11 29.98 -0.61
N GLY C 7 -19.31 30.99 -0.95
CA GLY C 7 -18.72 31.91 0.02
C GLY C 7 -17.45 31.43 0.70
N LYS C 8 -17.13 30.14 0.57
CA LYS C 8 -15.91 29.58 1.18
CA LYS C 8 -15.92 29.59 1.18
C LYS C 8 -14.65 30.26 0.66
N ARG C 9 -13.71 30.48 1.57
CA ARG C 9 -12.49 31.21 1.26
C ARG C 9 -11.39 30.18 1.00
N VAL C 10 -10.98 30.08 -0.27
CA VAL C 10 -10.18 28.96 -0.77
C VAL C 10 -8.85 29.46 -1.33
N LEU C 11 -7.76 29.20 -0.61
CA LEU C 11 -6.43 29.58 -1.06
C LEU C 11 -5.82 28.42 -1.84
N ILE C 12 -5.54 28.65 -3.12
CA ILE C 12 -4.99 27.60 -3.98
C ILE C 12 -3.61 27.98 -4.47
N THR C 13 -2.59 27.35 -3.90
CA THR C 13 -1.23 27.62 -4.33
C THR C 13 -0.98 27.00 -5.69
N GLY C 14 -0.17 27.65 -6.50
CA GLY C 14 0.13 27.19 -7.84
C GLY C 14 -1.10 27.13 -8.72
N SER C 15 -1.92 28.18 -8.65
CA SER C 15 -3.15 28.24 -9.45
C SER C 15 -3.09 29.24 -10.60
N SER C 16 -1.88 29.67 -10.95
CA SER C 16 -1.67 30.59 -12.07
C SER C 16 -1.85 29.89 -13.42
N GLN C 17 -1.75 28.57 -13.42
CA GLN C 17 -1.90 27.76 -14.62
C GLN C 17 -2.20 26.30 -14.26
N GLY C 18 -2.43 25.49 -15.30
CA GLY C 18 -2.54 24.03 -15.16
C GLY C 18 -3.66 23.53 -14.27
N ILE C 19 -3.35 22.53 -13.46
CA ILE C 19 -4.32 21.93 -12.55
C ILE C 19 -4.87 22.92 -11.52
N GLY C 20 -3.99 23.73 -10.93
CA GLY C 20 -4.41 24.71 -9.94
C GLY C 20 -5.40 25.71 -10.51
N LEU C 21 -5.14 26.16 -11.74
CA LEU C 21 -6.05 27.10 -12.41
C LEU C 21 -7.42 26.49 -12.73
N ALA C 22 -7.42 25.30 -13.32
CA ALA C 22 -8.67 24.60 -13.64
C ALA C 22 -9.50 24.40 -12.37
N THR C 23 -8.82 24.06 -11.28
CA THR C 23 -9.45 23.87 -9.99
C THR C 23 -10.04 25.17 -9.46
N ALA C 24 -9.27 26.25 -9.53
CA ALA C 24 -9.74 27.57 -9.13
C ALA C 24 -11.01 27.96 -9.89
N ARG C 25 -11.02 27.75 -11.19
CA ARG C 25 -12.20 28.06 -12.02
C ARG C 25 -13.45 27.34 -11.52
N LEU C 26 -13.30 26.06 -11.15
CA LEU C 26 -14.44 25.29 -10.68
C LEU C 26 -14.95 25.76 -9.33
N PHE C 27 -14.04 26.13 -8.43
CA PHE C 27 -14.43 26.69 -7.14
C PHE C 27 -15.23 27.98 -7.29
N ALA C 28 -14.79 28.84 -8.20
CA ALA C 28 -15.47 30.11 -8.47
C ALA C 28 -16.89 29.86 -8.99
N ARG C 29 -17.04 28.85 -9.84
CA ARG C 29 -18.36 28.44 -10.34
C ARG C 29 -19.28 27.93 -9.24
N ALA C 30 -18.67 27.46 -8.14
CA ALA C 30 -19.40 27.02 -6.97
C ALA C 30 -19.65 28.17 -5.98
N GLY C 31 -19.23 29.37 -6.38
CA GLY C 31 -19.43 30.59 -5.58
C GLY C 31 -18.39 30.86 -4.53
N ALA C 32 -17.24 30.18 -4.61
CA ALA C 32 -16.17 30.37 -3.62
C ALA C 32 -15.37 31.65 -3.87
N LYS C 33 -14.68 32.12 -2.83
CA LYS C 33 -13.74 33.23 -2.92
C LYS C 33 -12.33 32.64 -3.02
N VAL C 34 -11.70 32.82 -4.18
CA VAL C 34 -10.49 32.06 -4.51
C VAL C 34 -9.20 32.90 -4.52
N GLY C 35 -8.20 32.42 -3.77
CA GLY C 35 -6.87 33.00 -3.82
C GLY C 35 -6.07 32.34 -4.93
N LEU C 36 -5.84 33.10 -6.00
CA LEU C 36 -4.99 32.65 -7.10
C LEU C 36 -3.54 32.96 -6.75
N HIS C 37 -2.64 32.04 -7.10
CA HIS C 37 -1.25 32.17 -6.71
C HIS C 37 -0.25 31.60 -7.72
N GLY C 38 0.88 32.29 -7.87
CA GLY C 38 2.02 31.81 -8.64
C GLY C 38 3.26 32.58 -8.21
N ARG C 39 4.42 32.28 -8.82
CA ARG C 39 5.64 33.04 -8.53
C ARG C 39 5.56 34.44 -9.12
N LYS C 40 4.88 34.54 -10.26
CA LYS C 40 4.73 35.79 -10.99
C LYS C 40 3.29 35.87 -11.46
N ALA C 41 2.73 37.07 -11.47
CA ALA C 41 1.41 37.31 -12.04
C ALA C 41 1.43 36.90 -13.51
N PRO C 42 0.56 35.93 -13.88
CA PRO C 42 0.52 35.52 -15.27
C PRO C 42 -0.08 36.62 -16.13
N ALA C 43 0.21 36.61 -17.42
CA ALA C 43 -0.39 37.56 -18.33
C ALA C 43 -1.89 37.30 -18.40
N ASN C 44 -2.67 38.39 -18.37
CA ASN C 44 -4.13 38.34 -18.40
C ASN C 44 -4.77 37.83 -17.12
N ILE C 45 -4.05 37.91 -16.01
CA ILE C 45 -4.57 37.48 -14.70
C ILE C 45 -5.91 38.17 -14.34
N ASP C 46 -6.04 39.44 -14.72
CA ASP C 46 -7.27 40.18 -14.46
C ASP C 46 -8.45 39.70 -15.31
N GLU C 47 -8.17 39.14 -16.49
CA GLU C 47 -9.21 38.48 -17.28
C GLU C 47 -9.74 37.24 -16.54
N THR C 48 -8.81 36.46 -16.00
CA THR C 48 -9.15 35.28 -15.21
C THR C 48 -10.04 35.64 -14.03
N ILE C 49 -9.65 36.69 -13.29
CA ILE C 49 -10.45 37.19 -12.16
C ILE C 49 -11.85 37.61 -12.61
N ALA C 50 -11.94 38.27 -13.76
CA ALA C 50 -13.24 38.67 -14.34
C ALA C 50 -14.13 37.47 -14.70
N SER C 51 -13.53 36.44 -15.31
CA SER C 51 -14.26 35.20 -15.64
C SER C 51 -14.81 34.55 -14.38
N MET C 52 -13.98 34.51 -13.33
CA MET C 52 -14.35 33.86 -12.07
C MET C 52 -15.47 34.61 -11.35
N ARG C 53 -15.46 35.94 -11.47
CA ARG C 53 -16.51 36.78 -10.88
C ARG C 53 -17.84 36.66 -11.64
N ALA C 54 -17.74 36.62 -12.96
CA ALA C 54 -18.91 36.42 -13.83
C ALA C 54 -19.57 35.07 -13.59
N ASP C 55 -18.79 34.09 -13.13
CA ASP C 55 -19.30 32.76 -12.78
C ASP C 55 -19.95 32.70 -11.41
N GLY C 56 -19.89 33.81 -10.67
CA GLY C 56 -20.56 33.91 -9.37
C GLY C 56 -19.66 33.76 -8.15
N GLY C 57 -18.36 33.79 -8.37
CA GLY C 57 -17.39 33.72 -7.28
C GLY C 57 -16.61 35.02 -7.17
N ASP C 58 -15.47 34.95 -6.48
CA ASP C 58 -14.55 36.08 -6.40
C ASP C 58 -13.13 35.55 -6.48
N ALA C 59 -12.19 36.42 -6.83
CA ALA C 59 -10.78 36.03 -6.98
C ALA C 59 -9.83 37.20 -6.73
N ALA C 60 -8.66 36.88 -6.21
CA ALA C 60 -7.55 37.83 -6.14
C ALA C 60 -6.26 37.05 -6.34
N PHE C 61 -5.27 37.70 -6.96
CA PHE C 61 -3.98 37.08 -7.18
C PHE C 61 -2.92 37.49 -6.16
N PHE C 62 -2.09 36.53 -5.77
CA PHE C 62 -0.99 36.77 -4.84
C PHE C 62 0.29 36.13 -5.40
N ALA C 63 1.35 36.93 -5.50
CA ALA C 63 2.65 36.43 -5.97
C ALA C 63 3.54 36.02 -4.79
N ALA C 64 4.11 34.82 -4.87
CA ALA C 64 5.01 34.30 -3.84
C ALA C 64 5.80 33.10 -4.35
N ASP C 65 7.10 33.08 -4.08
CA ASP C 65 7.89 31.87 -4.33
C ASP C 65 7.94 31.12 -3.02
N LEU C 66 7.23 30.00 -2.95
CA LEU C 66 6.98 29.32 -1.69
C LEU C 66 8.14 28.45 -1.20
N ALA C 67 9.29 28.53 -1.89
CA ALA C 67 10.51 27.82 -1.48
C ALA C 67 11.07 28.32 -0.13
N THR C 68 10.63 29.50 0.29
CA THR C 68 11.03 30.04 1.59
C THR C 68 9.83 30.21 2.53
N SER C 69 10.06 30.04 3.83
N SER C 69 10.05 30.03 3.82
CA SER C 69 8.98 30.14 4.82
CA SER C 69 8.99 30.15 4.82
C SER C 69 8.42 31.55 4.92
C SER C 69 8.40 31.56 4.86
N GLU C 70 9.27 32.54 4.68
CA GLU C 70 8.88 33.95 4.70
C GLU C 70 7.78 34.25 3.67
N ALA C 71 7.95 33.71 2.46
CA ALA C 71 6.96 33.86 1.41
C ALA C 71 5.64 33.11 1.70
N CYS C 72 5.75 31.94 2.33
CA CYS C 72 4.58 31.16 2.75
C CYS C 72 3.74 31.93 3.79
N GLN C 73 4.43 32.53 4.76
N GLN C 73 4.41 32.51 4.78
CA GLN C 73 3.81 33.33 5.81
CA GLN C 73 3.74 33.32 5.80
C GLN C 73 3.12 34.57 5.23
C GLN C 73 3.06 34.54 5.17
N GLN C 74 3.79 35.23 4.30
CA GLN C 74 3.27 36.44 3.65
C GLN C 74 2.06 36.12 2.76
N LEU C 75 2.11 34.99 2.06
CA LEU C 75 0.98 34.56 1.23
C LEU C 75 -0.27 34.38 2.07
N VAL C 76 -0.13 33.67 3.19
CA VAL C 76 -1.26 33.42 4.11
C VAL C 76 -1.79 34.74 4.66
N ASP C 77 -0.89 35.61 5.12
CA ASP C 77 -1.28 36.92 5.65
C ASP C 77 -2.02 37.77 4.64
N GLU C 78 -1.49 37.85 3.42
CA GLU C 78 -2.12 38.64 2.36
C GLU C 78 -3.50 38.09 1.99
N PHE C 79 -3.62 36.76 1.95
CA PHE C 79 -4.90 36.11 1.66
C PHE C 79 -5.94 36.44 2.72
N VAL C 80 -5.55 36.32 3.99
CA VAL C 80 -6.44 36.60 5.11
C VAL C 80 -6.79 38.09 5.18
N ALA C 81 -5.83 38.95 4.84
CA ALA C 81 -6.09 40.40 4.78
C ALA C 81 -7.17 40.72 3.74
N LYS C 82 -7.13 40.00 2.62
CA LYS C 82 -8.06 40.23 1.51
C LYS C 82 -9.46 39.65 1.78
N PHE C 83 -9.52 38.40 2.26
CA PHE C 83 -10.80 37.70 2.37
C PHE C 83 -11.31 37.49 3.80
N GLY C 84 -10.45 37.73 4.79
CA GLY C 84 -10.88 37.73 6.19
C GLY C 84 -10.75 36.42 6.95
N GLY C 85 -10.25 35.38 6.27
CA GLY C 85 -10.07 34.07 6.90
C GLY C 85 -9.79 33.01 5.85
N ILE C 86 -9.63 31.76 6.30
CA ILE C 86 -9.38 30.63 5.38
C ILE C 86 -10.23 29.42 5.77
N ASP C 87 -10.98 28.90 4.80
CA ASP C 87 -11.78 27.69 4.97
C ASP C 87 -11.11 26.47 4.34
N VAL C 88 -10.42 26.70 3.22
CA VAL C 88 -9.80 25.62 2.46
C VAL C 88 -8.41 26.05 2.00
N LEU C 89 -7.40 25.24 2.31
CA LEU C 89 -6.08 25.43 1.73
C LEU C 89 -5.79 24.30 0.75
N ILE C 90 -5.40 24.65 -0.48
CA ILE C 90 -4.96 23.68 -1.47
C ILE C 90 -3.48 23.90 -1.77
N ASN C 91 -2.67 22.94 -1.33
CA ASN C 91 -1.22 22.97 -1.55
C ASN C 91 -0.93 22.30 -2.89
N ASN C 92 -1.00 23.10 -3.96
CA ASN C 92 -0.82 22.58 -5.31
C ASN C 92 0.48 23.04 -5.97
N ALA C 93 1.08 24.10 -5.44
CA ALA C 93 2.38 24.56 -5.95
C ALA C 93 3.45 23.47 -5.81
N GLY C 94 4.27 23.35 -6.84
CA GLY C 94 5.33 22.36 -6.89
C GLY C 94 5.68 22.03 -8.32
N GLY C 95 6.64 21.13 -8.49
CA GLY C 95 7.06 20.70 -9.81
C GLY C 95 8.41 20.02 -9.78
N LEU C 96 8.85 19.54 -10.94
CA LEU C 96 10.10 18.81 -11.04
C LEU C 96 11.32 19.66 -10.69
N VAL C 97 11.24 20.96 -11.00
CA VAL C 97 12.37 21.89 -10.97
C VAL C 97 13.38 21.58 -12.09
N GLY C 98 13.83 20.34 -12.13
CA GLY C 98 14.73 19.86 -13.18
C GLY C 98 14.86 18.35 -13.13
N ARG C 99 15.65 17.80 -14.04
CA ARG C 99 15.94 16.37 -14.05
C ARG C 99 17.44 16.14 -13.91
N LYS C 100 17.83 15.52 -12.80
CA LYS C 100 19.21 15.14 -12.55
C LYS C 100 19.23 13.73 -11.99
N PRO C 101 19.93 12.80 -12.68
CA PRO C 101 20.13 11.46 -12.12
C PRO C 101 20.93 11.49 -10.83
N LEU C 102 20.83 10.44 -10.02
CA LEU C 102 21.50 10.39 -8.72
C LEU C 102 22.96 10.85 -8.73
N PRO C 103 23.79 10.39 -9.70
CA PRO C 103 25.18 10.86 -9.71
C PRO C 103 25.33 12.38 -9.86
N GLU C 104 24.30 13.03 -10.38
CA GLU C 104 24.33 14.48 -10.67
C GLU C 104 23.68 15.34 -9.57
N ILE C 105 23.12 14.72 -8.54
CA ILE C 105 22.39 15.48 -7.51
C ILE C 105 23.35 16.22 -6.56
N ASP C 106 23.44 17.53 -6.75
CA ASP C 106 24.25 18.40 -5.89
C ASP C 106 23.33 19.05 -4.85
N ASP C 107 23.93 19.76 -3.89
CA ASP C 107 23.14 20.43 -2.84
C ASP C 107 22.18 21.46 -3.37
N THR C 108 22.61 22.24 -4.36
CA THR C 108 21.77 23.29 -4.92
C THR C 108 20.47 22.71 -5.53
N PHE C 109 20.63 21.69 -6.36
CA PHE C 109 19.48 21.02 -6.98
C PHE C 109 18.61 20.32 -5.95
N TYR C 110 19.25 19.60 -5.02
CA TYR C 110 18.54 18.95 -3.91
C TYR C 110 17.69 19.99 -3.17
N ASP C 111 18.32 21.07 -2.71
CA ASP C 111 17.60 22.13 -2.01
C ASP C 111 16.46 22.71 -2.83
N ALA C 112 16.69 22.96 -4.12
CA ALA C 112 15.66 23.48 -5.02
C ALA C 112 14.41 22.59 -5.09
N VAL C 113 14.61 21.29 -5.28
CA VAL C 113 13.49 20.35 -5.39
C VAL C 113 12.79 20.22 -4.05
N MET C 114 13.58 20.09 -2.98
CA MET C 114 13.00 19.85 -1.66
C MET C 114 12.26 21.09 -1.14
N ASP C 115 12.80 22.28 -1.40
CA ASP C 115 12.16 23.52 -0.96
C ASP C 115 10.86 23.76 -1.71
N ALA C 116 10.88 23.54 -3.03
CA ALA C 116 9.70 23.80 -3.86
C ALA C 116 8.55 22.87 -3.53
N ASN C 117 8.86 21.61 -3.23
CA ASN C 117 7.86 20.56 -3.10
C ASN C 117 7.48 20.16 -1.68
N ILE C 118 8.41 20.34 -0.73
CA ILE C 118 8.17 19.96 0.66
C ILE C 118 8.06 21.16 1.60
N ARG C 119 9.11 21.99 1.68
CA ARG C 119 9.09 23.13 2.60
C ARG C 119 7.87 24.00 2.34
N SER C 120 7.54 24.20 1.06
CA SER C 120 6.36 24.97 0.66
C SER C 120 5.09 24.45 1.33
N VAL C 121 4.86 23.14 1.24
CA VAL C 121 3.66 22.52 1.78
C VAL C 121 3.64 22.57 3.32
N VAL C 122 4.77 22.20 3.92
CA VAL C 122 4.86 22.15 5.39
C VAL C 122 4.61 23.53 5.99
N MET C 123 5.29 24.53 5.44
CA MET C 123 5.20 25.88 5.99
C MET C 123 3.87 26.58 5.68
N THR C 124 3.38 26.45 4.45
CA THR C 124 2.09 27.08 4.10
C THR C 124 0.97 26.47 4.95
N THR C 125 0.98 25.15 5.13
CA THR C 125 0.00 24.48 5.99
C THR C 125 0.10 24.97 7.43
N LYS C 126 1.34 25.05 7.93
CA LYS C 126 1.59 25.55 9.28
C LYS C 126 0.96 26.92 9.50
N PHE C 127 1.23 27.84 8.58
CA PHE C 127 0.75 29.21 8.70
C PHE C 127 -0.76 29.36 8.49
N ALA C 128 -1.33 28.49 7.67
CA ALA C 128 -2.77 28.49 7.42
C ALA C 128 -3.56 27.84 8.57
N LEU C 129 -2.92 26.90 9.28
CA LEU C 129 -3.60 26.09 10.29
C LEU C 129 -4.45 26.85 11.34
N PRO C 130 -3.89 27.89 11.99
CA PRO C 130 -4.70 28.65 12.97
C PRO C 130 -5.96 29.26 12.36
N HIS C 131 -5.87 29.73 11.12
CA HIS C 131 -7.03 30.29 10.42
C HIS C 131 -8.06 29.22 10.08
N LEU C 132 -7.59 28.10 9.52
CA LEU C 132 -8.45 26.97 9.20
C LEU C 132 -9.17 26.46 10.45
N ALA C 133 -8.44 26.38 11.56
CA ALA C 133 -9.02 25.95 12.83
C ALA C 133 -10.08 26.93 13.32
N ALA C 134 -9.80 28.23 13.21
CA ALA C 134 -10.74 29.26 13.66
C ALA C 134 -12.04 29.23 12.86
N ALA C 135 -11.92 29.03 11.55
CA ALA C 135 -13.08 28.95 10.65
C ALA C 135 -13.96 27.73 10.96
N ALA C 136 -13.33 26.60 11.28
CA ALA C 136 -14.04 25.38 11.66
C ALA C 136 -14.81 25.56 12.97
N LYS C 137 -14.17 26.20 13.94
CA LYS C 137 -14.80 26.49 15.24
C LYS C 137 -16.04 27.37 15.09
N ALA C 138 -15.94 28.37 14.21
CA ALA C 138 -17.04 29.31 13.96
C ALA C 138 -18.24 28.66 13.28
N SER C 139 -17.97 27.79 12.31
CA SER C 139 -19.05 27.14 11.56
C SER C 139 -19.60 25.88 12.23
N GLY C 140 -18.78 25.24 13.06
CA GLY C 140 -19.13 23.96 13.66
C GLY C 140 -18.97 22.78 12.72
N GLN C 141 -18.38 23.04 11.55
CA GLN C 141 -18.11 21.99 10.57
C GLN C 141 -16.60 21.80 10.46
N THR C 142 -16.11 21.33 9.31
CA THR C 142 -14.67 21.15 9.15
C THR C 142 -14.10 22.10 8.10
N SER C 143 -12.86 22.51 8.31
CA SER C 143 -12.06 23.15 7.27
C SER C 143 -11.25 22.05 6.56
N ALA C 144 -10.65 22.40 5.43
CA ALA C 144 -9.99 21.39 4.60
C ALA C 144 -8.62 21.82 4.13
N VAL C 145 -7.67 20.88 4.19
CA VAL C 145 -6.39 21.01 3.50
C VAL C 145 -6.38 19.91 2.46
N ILE C 146 -6.09 20.27 1.21
CA ILE C 146 -5.95 19.30 0.14
C ILE C 146 -4.61 19.58 -0.53
N SER C 147 -3.75 18.57 -0.57
CA SER C 147 -2.44 18.74 -1.18
C SER C 147 -2.34 17.89 -2.43
N THR C 148 -1.61 18.40 -3.40
CA THR C 148 -1.44 17.67 -4.65
C THR C 148 -0.27 16.69 -4.52
N GLY C 149 -0.58 15.41 -4.67
CA GLY C 149 0.44 14.37 -4.64
C GLY C 149 0.85 13.99 -6.05
N SER C 150 1.14 12.72 -6.27
CA SER C 150 1.51 12.24 -7.60
C SER C 150 1.55 10.72 -7.62
N ILE C 151 1.20 10.16 -8.77
CA ILE C 151 1.49 8.75 -9.04
C ILE C 151 2.94 8.40 -8.61
N ALA C 152 3.86 9.33 -8.82
CA ALA C 152 5.28 9.13 -8.50
C ALA C 152 5.53 8.93 -7.00
N GLY C 153 4.62 9.46 -6.18
CA GLY C 153 4.67 9.25 -4.75
C GLY C 153 4.33 7.83 -4.35
N HIS C 154 3.76 7.07 -5.28
CA HIS C 154 3.52 5.64 -5.08
C HIS C 154 4.64 4.76 -5.64
N THR C 155 4.99 4.99 -6.91
CA THR C 155 5.88 4.05 -7.60
C THR C 155 7.29 4.56 -7.84
N GLY C 156 7.52 5.84 -7.53
CA GLY C 156 8.84 6.43 -7.68
C GLY C 156 8.89 7.43 -8.82
N GLY C 157 9.81 8.37 -8.74
CA GLY C 157 9.97 9.37 -9.80
C GLY C 157 10.56 8.75 -11.05
N GLY C 158 10.32 9.40 -12.19
CA GLY C 158 10.94 8.99 -13.45
C GLY C 158 12.39 9.43 -13.56
N PRO C 159 12.94 9.43 -14.80
CA PRO C 159 14.33 9.78 -15.05
C PRO C 159 14.69 11.16 -14.52
N GLY C 160 15.70 11.22 -13.67
CA GLY C 160 16.16 12.47 -13.06
C GLY C 160 15.19 13.09 -12.07
N ALA C 161 14.12 12.36 -11.75
CA ALA C 161 13.05 12.88 -10.91
C ALA C 161 12.91 12.14 -9.57
N GLY C 162 13.98 11.47 -9.14
CA GLY C 162 13.98 10.72 -7.88
C GLY C 162 13.53 11.55 -6.68
N LEU C 163 14.07 12.76 -6.57
CA LEU C 163 13.73 13.65 -5.45
C LEU C 163 12.29 14.14 -5.52
N TYR C 164 11.79 14.37 -6.73
CA TYR C 164 10.42 14.84 -6.91
C TYR C 164 9.41 13.76 -6.47
N GLY C 165 9.58 12.54 -6.96
CA GLY C 165 8.69 11.43 -6.60
C GLY C 165 8.70 11.20 -5.10
N ALA C 166 9.90 11.24 -4.51
CA ALA C 166 10.03 10.98 -3.07
C ALA C 166 9.49 12.15 -2.23
N ALA C 167 9.62 13.37 -2.75
CA ALA C 167 8.97 14.55 -2.14
C ALA C 167 7.45 14.39 -2.08
N LYS C 168 6.87 13.86 -3.15
CA LYS C 168 5.43 13.59 -3.16
C LYS C 168 5.06 12.47 -2.17
N ALA C 169 5.90 11.44 -2.09
CA ALA C 169 5.73 10.38 -1.07
C ALA C 169 5.80 10.98 0.33
N PHE C 170 6.70 11.93 0.53
CA PHE C 170 6.82 12.65 1.82
C PHE C 170 5.49 13.31 2.18
N LEU C 171 4.88 14.01 1.22
N LEU C 171 4.88 13.99 1.21
CA LEU C 171 3.59 14.67 1.44
CA LEU C 171 3.60 14.67 1.41
C LEU C 171 2.51 13.65 1.81
C LEU C 171 2.48 13.69 1.74
N HIS C 172 2.46 12.54 1.06
CA HIS C 172 1.47 11.48 1.30
C HIS C 172 1.56 11.04 2.77
N ASN C 173 2.78 10.97 3.28
CA ASN C 173 3.02 10.52 4.65
C ASN C 173 2.77 11.60 5.70
N VAL C 174 3.23 12.83 5.46
CA VAL C 174 3.15 13.88 6.50
C VAL C 174 1.69 14.21 6.83
N HIS C 175 0.81 14.12 5.83
CA HIS C 175 -0.63 14.26 6.03
C HIS C 175 -1.17 13.31 7.11
N LYS C 176 -0.59 12.12 7.18
N LYS C 176 -0.59 12.11 7.18
CA LYS C 176 -1.01 11.11 8.16
CA LYS C 176 -1.01 11.11 8.15
C LYS C 176 -0.78 11.57 9.59
C LYS C 176 -0.80 11.62 9.58
N ASN C 177 0.40 12.17 9.83
CA ASN C 177 0.71 12.77 11.13
C ASN C 177 -0.24 13.94 11.40
N TRP C 178 -0.49 14.75 10.37
CA TRP C 178 -1.37 15.90 10.52
C TRP C 178 -2.78 15.50 10.89
N VAL C 179 -3.26 14.40 10.32
CA VAL C 179 -4.58 13.87 10.67
C VAL C 179 -4.60 13.42 12.12
N ASP C 180 -3.58 12.65 12.50
CA ASP C 180 -3.54 12.09 13.85
C ASP C 180 -3.60 13.14 14.93
N PHE C 181 -2.97 14.28 14.70
CA PHE C 181 -2.87 15.25 15.78
C PHE C 181 -3.56 16.61 15.54
N HIS C 182 -4.13 16.79 14.35
CA HIS C 182 -4.89 18.02 14.07
C HIS C 182 -6.34 17.84 13.62
N THR C 183 -6.83 16.60 13.63
CA THR C 183 -8.26 16.36 13.41
C THR C 183 -9.06 17.07 14.51
N LYS C 184 -8.49 17.10 15.71
CA LYS C 184 -9.09 17.80 16.86
C LYS C 184 -9.18 19.32 16.67
N ASP C 185 -8.45 19.85 15.69
CA ASP C 185 -8.52 21.26 15.33
C ASP C 185 -9.65 21.56 14.33
N GLY C 186 -10.36 20.53 13.91
CA GLY C 186 -11.48 20.66 12.99
C GLY C 186 -11.05 20.75 11.54
N VAL C 187 -9.86 20.22 11.25
CA VAL C 187 -9.32 20.27 9.90
C VAL C 187 -9.17 18.87 9.34
N ARG C 188 -9.66 18.66 8.12
CA ARG C 188 -9.49 17.39 7.41
C ARG C 188 -8.37 17.57 6.39
N PHE C 189 -7.56 16.54 6.19
CA PHE C 189 -6.42 16.59 5.26
C PHE C 189 -6.56 15.46 4.27
N ASN C 190 -6.58 15.80 2.98
CA ASN C 190 -6.65 14.78 1.93
C ASN C 190 -5.76 15.15 0.76
N ILE C 191 -5.52 14.18 -0.11
CA ILE C 191 -4.61 14.38 -1.23
C ILE C 191 -5.25 13.94 -2.54
N VAL C 192 -5.09 14.78 -3.56
CA VAL C 192 -5.42 14.43 -4.94
C VAL C 192 -4.09 14.15 -5.60
N SER C 193 -3.97 12.96 -6.19
CA SER C 193 -2.72 12.46 -6.75
C SER C 193 -2.85 12.24 -8.26
N PRO C 194 -2.53 13.28 -9.06
CA PRO C 194 -2.60 13.16 -10.52
C PRO C 194 -1.62 12.13 -11.06
N GLY C 195 -1.98 11.50 -12.17
CA GLY C 195 -1.10 10.60 -12.89
C GLY C 195 -0.30 11.40 -13.89
N THR C 196 -0.69 11.27 -15.16
CA THR C 196 -0.04 11.98 -16.26
C THR C 196 -1.05 12.94 -16.87
N VAL C 197 -0.85 14.23 -16.65
CA VAL C 197 -1.82 15.27 -17.00
C VAL C 197 -1.22 16.23 -18.01
N ASP C 198 -2.01 16.56 -19.03
CA ASP C 198 -1.57 17.42 -20.12
C ASP C 198 -1.48 18.88 -19.69
N THR C 199 -0.40 19.22 -18.98
CA THR C 199 -0.10 20.58 -18.56
C THR C 199 1.34 20.92 -18.97
N ALA C 200 1.82 22.10 -18.55
CA ALA C 200 3.21 22.51 -18.77
C ALA C 200 4.23 21.55 -18.14
N PHE C 201 3.78 20.85 -17.09
CA PHE C 201 4.56 19.79 -16.42
C PHE C 201 5.12 18.76 -17.39
N HIS C 202 4.33 18.39 -18.40
CA HIS C 202 4.73 17.38 -19.39
C HIS C 202 4.95 17.95 -20.81
N ALA C 203 4.98 19.28 -20.92
CA ALA C 203 5.11 19.97 -22.21
C ALA C 203 6.37 19.62 -23.01
N ASP C 204 7.41 19.17 -22.32
CA ASP C 204 8.68 18.79 -22.96
C ASP C 204 8.64 17.46 -23.70
N LYS C 205 7.62 16.65 -23.40
CA LYS C 205 7.50 15.29 -23.95
C LYS C 205 7.06 15.28 -25.41
N THR C 206 7.85 14.60 -26.24
CA THR C 206 7.54 14.43 -27.66
C THR C 206 6.39 13.44 -27.84
N GLN C 207 5.77 13.48 -29.02
CA GLN C 207 4.63 12.62 -29.35
C GLN C 207 4.93 11.14 -29.15
N ASP C 208 6.15 10.73 -29.51
CA ASP C 208 6.62 9.36 -29.30
C ASP C 208 6.55 8.94 -27.83
N VAL C 209 7.07 9.79 -26.95
CA VAL C 209 7.10 9.52 -25.50
C VAL C 209 5.69 9.51 -24.91
N ARG C 210 4.84 10.43 -25.38
CA ARG C 210 3.45 10.52 -24.95
C ARG C 210 2.66 9.26 -25.31
N ASP C 211 2.94 8.70 -26.49
CA ASP C 211 2.28 7.47 -26.95
C ASP C 211 2.68 6.24 -26.14
N ARG C 212 3.96 6.14 -25.79
N ARG C 212 3.95 6.15 -25.79
CA ARG C 212 4.47 5.01 -25.02
CA ARG C 212 4.48 5.02 -25.02
C ARG C 212 3.94 5.00 -23.57
C ARG C 212 3.97 5.00 -23.58
N ILE C 213 3.77 6.19 -23.00
CA ILE C 213 3.22 6.33 -21.64
C ILE C 213 1.74 5.97 -21.64
N SER C 214 1.02 6.44 -22.65
CA SER C 214 -0.41 6.15 -22.82
C SER C 214 -0.69 4.65 -22.94
N ASN C 215 0.26 3.90 -23.52
CA ASN C 215 0.17 2.44 -23.62
C ASN C 215 0.07 1.73 -22.27
N GLY C 216 0.67 2.32 -21.23
CA GLY C 216 0.59 1.79 -19.86
C GLY C 216 -0.57 2.37 -19.06
N ILE C 217 -1.42 3.15 -19.74
CA ILE C 217 -2.62 3.71 -19.12
C ILE C 217 -3.85 3.04 -19.73
N PRO C 218 -4.66 2.33 -18.90
CA PRO C 218 -5.89 1.70 -19.41
C PRO C 218 -6.80 2.61 -20.24
N MET C 219 -6.93 3.88 -19.86
CA MET C 219 -7.74 4.83 -20.63
C MET C 219 -7.07 5.32 -21.93
N GLY C 220 -5.79 4.99 -22.08
CA GLY C 220 -5.06 5.20 -23.34
C GLY C 220 -4.76 6.64 -23.70
N ARG C 221 -4.77 7.52 -22.69
CA ARG C 221 -4.53 8.95 -22.90
C ARG C 221 -4.07 9.63 -21.61
N PHE C 222 -3.45 10.80 -21.76
CA PHE C 222 -3.17 11.69 -20.63
C PHE C 222 -4.48 12.26 -20.09
N GLY C 223 -4.48 12.62 -18.81
CA GLY C 223 -5.61 13.36 -18.24
C GLY C 223 -5.55 14.83 -18.62
N THR C 224 -6.67 15.52 -18.41
CA THR C 224 -6.73 16.97 -18.54
C THR C 224 -6.75 17.60 -17.15
N ALA C 225 -6.36 18.88 -17.07
CA ALA C 225 -6.44 19.62 -15.82
C ALA C 225 -7.87 19.65 -15.29
N GLU C 226 -8.84 19.67 -16.21
CA GLU C 226 -10.25 19.73 -15.84
C GLU C 226 -10.72 18.46 -15.15
N GLU C 227 -10.12 17.34 -15.50
CA GLU C 227 -10.45 16.04 -14.91
C GLU C 227 -9.92 15.89 -13.47
N MET C 228 -9.02 16.78 -13.07
CA MET C 228 -8.48 16.80 -11.70
C MET C 228 -9.35 17.61 -10.73
N ALA C 229 -10.02 18.62 -11.27
CA ALA C 229 -10.65 19.65 -10.45
C ALA C 229 -11.79 19.18 -9.55
N PRO C 230 -12.73 18.36 -10.06
CA PRO C 230 -13.85 17.98 -9.20
C PRO C 230 -13.44 17.28 -7.90
N ALA C 231 -12.37 16.48 -7.94
CA ALA C 231 -11.90 15.81 -6.72
C ALA C 231 -11.52 16.80 -5.61
N PHE C 232 -10.92 17.93 -5.98
CA PHE C 232 -10.57 18.98 -5.00
C PHE C 232 -11.84 19.54 -4.34
N LEU C 233 -12.86 19.83 -5.15
CA LEU C 233 -14.12 20.35 -4.62
C LEU C 233 -14.79 19.33 -3.70
N PHE C 234 -14.75 18.06 -4.11
CA PHE C 234 -15.26 16.96 -3.29
C PHE C 234 -14.61 16.94 -1.92
N PHE C 235 -13.29 16.98 -1.88
CA PHE C 235 -12.53 16.95 -0.63
C PHE C 235 -12.70 18.24 0.20
N ALA C 236 -13.01 19.35 -0.46
CA ALA C 236 -13.22 20.64 0.22
C ALA C 236 -14.60 20.74 0.87
N SER C 237 -15.56 20.01 0.32
CA SER C 237 -16.95 20.07 0.79
C SER C 237 -17.21 19.20 2.01
N HIS C 238 -17.53 19.85 3.12
CA HIS C 238 -17.92 19.15 4.34
C HIS C 238 -19.12 18.21 4.12
N LEU C 239 -20.08 18.64 3.31
CA LEU C 239 -21.25 17.82 3.00
C LEU C 239 -20.89 16.55 2.25
N ALA C 240 -19.92 16.67 1.34
CA ALA C 240 -19.50 15.54 0.50
C ALA C 240 -18.56 14.58 1.20
N SER C 241 -17.64 15.10 2.01
CA SER C 241 -16.52 14.30 2.51
C SER C 241 -16.21 14.51 3.99
N GLY C 242 -17.24 14.90 4.75
CA GLY C 242 -17.08 15.22 6.17
C GLY C 242 -16.44 14.16 7.05
N TYR C 243 -16.56 12.88 6.67
CA TYR C 243 -15.95 11.77 7.42
C TYR C 243 -14.71 11.20 6.71
N ILE C 244 -14.22 11.94 5.71
CA ILE C 244 -13.03 11.53 4.94
C ILE C 244 -11.83 12.40 5.30
N THR C 245 -10.81 11.76 5.83
CA THR C 245 -9.56 12.44 6.15
C THR C 245 -8.41 11.44 6.13
N GLY C 246 -7.24 11.91 5.72
CA GLY C 246 -6.03 11.10 5.64
C GLY C 246 -5.97 10.17 4.45
N GLN C 247 -6.64 10.56 3.37
CA GLN C 247 -6.72 9.74 2.16
C GLN C 247 -5.98 10.33 0.97
N VAL C 248 -5.57 9.43 0.06
CA VAL C 248 -4.95 9.81 -1.20
C VAL C 248 -5.83 9.26 -2.32
N LEU C 249 -6.26 10.13 -3.22
CA LEU C 249 -7.10 9.71 -4.35
C LEU C 249 -6.35 9.94 -5.66
N ASP C 250 -6.03 8.85 -6.34
CA ASP C 250 -5.27 8.91 -7.58
C ASP C 250 -6.16 9.09 -8.81
N ILE C 251 -5.80 10.03 -9.66
CA ILE C 251 -6.59 10.35 -10.84
C ILE C 251 -5.67 10.18 -12.05
N ASN C 252 -5.77 9.03 -12.70
CA ASN C 252 -4.71 8.59 -13.63
C ASN C 252 -5.14 7.61 -14.73
N GLY C 253 -6.44 7.52 -14.99
CA GLY C 253 -6.96 6.62 -16.04
C GLY C 253 -6.65 5.14 -15.82
N GLY C 254 -6.35 4.77 -14.58
CA GLY C 254 -6.04 3.39 -14.22
C GLY C 254 -4.56 3.06 -14.27
N GLN C 255 -3.73 4.07 -14.54
CA GLN C 255 -2.27 3.89 -14.65
C GLN C 255 -1.64 3.27 -13.39
N TYR C 256 -2.09 3.74 -12.23
CA TYR C 256 -1.71 3.12 -10.96
C TYR C 256 -2.98 2.92 -10.12
N LYS C 257 -3.15 1.71 -9.63
CA LYS C 257 -4.38 1.35 -8.93
C LYS C 257 -4.14 1.39 -7.42
N HIS C 258 -4.65 2.45 -6.80
CA HIS C 258 -4.43 2.69 -5.38
C HIS C 258 -5.74 2.49 -4.63
N PHE D 2 -24.54 16.17 -8.68
CA PHE D 2 -23.92 16.07 -10.04
C PHE D 2 -25.02 16.01 -11.11
N PRO D 3 -25.06 17.02 -12.01
CA PRO D 3 -26.16 17.17 -12.97
C PRO D 3 -26.30 16.02 -13.97
N ASP D 4 -25.18 15.33 -14.25
CA ASP D 4 -25.17 14.26 -15.24
C ASP D 4 -25.69 12.93 -14.71
N LEU D 5 -26.19 12.93 -13.47
CA LEU D 5 -26.79 11.72 -12.88
C LEU D 5 -28.30 11.64 -13.11
N LYS D 6 -28.90 12.76 -13.54
CA LYS D 6 -30.34 12.78 -13.82
C LYS D 6 -30.68 11.76 -14.90
N GLY D 7 -31.66 10.91 -14.60
CA GLY D 7 -32.10 9.88 -15.54
C GLY D 7 -31.25 8.62 -15.63
N LYS D 8 -30.10 8.61 -14.95
N LYS D 8 -30.10 8.62 -14.94
CA LYS D 8 -29.20 7.46 -14.97
CA LYS D 8 -29.21 7.45 -14.94
C LYS D 8 -29.82 6.26 -14.26
C LYS D 8 -29.84 6.26 -14.26
N ARG D 9 -29.58 5.08 -14.81
CA ARG D 9 -30.19 3.85 -14.33
C ARG D 9 -29.18 3.15 -13.42
N VAL D 10 -29.48 3.17 -12.12
CA VAL D 10 -28.51 2.82 -11.08
C VAL D 10 -29.00 1.62 -10.26
N LEU D 11 -28.38 0.46 -10.45
CA LEU D 11 -28.71 -0.73 -9.68
C LEU D 11 -27.81 -0.80 -8.45
N ILE D 12 -28.41 -0.77 -7.26
CA ILE D 12 -27.66 -0.78 -6.01
C ILE D 12 -28.01 -2.03 -5.21
N THR D 13 -27.09 -3.00 -5.20
CA THR D 13 -27.33 -4.21 -4.42
C THR D 13 -27.19 -3.89 -2.93
N GLY D 14 -27.97 -4.59 -2.12
CA GLY D 14 -27.97 -4.36 -0.68
C GLY D 14 -28.37 -2.94 -0.30
N SER D 15 -29.43 -2.45 -0.94
CA SER D 15 -29.91 -1.08 -0.67
C SER D 15 -31.22 -1.04 0.10
N SER D 16 -31.59 -2.17 0.70
CA SER D 16 -32.81 -2.27 1.51
C SER D 16 -32.64 -1.57 2.86
N GLN D 17 -31.39 -1.34 3.25
CA GLN D 17 -31.07 -0.67 4.50
C GLN D 17 -29.63 -0.16 4.50
N GLY D 18 -29.26 0.54 5.57
CA GLY D 18 -27.88 0.97 5.80
C GLY D 18 -27.28 1.86 4.75
N ILE D 19 -26.01 1.60 4.42
CA ILE D 19 -25.25 2.38 3.46
C ILE D 19 -25.90 2.37 2.07
N GLY D 20 -26.32 1.19 1.61
CA GLY D 20 -26.97 1.06 0.30
C GLY D 20 -28.22 1.92 0.21
N LEU D 21 -29.04 1.91 1.28
CA LEU D 21 -30.26 2.71 1.30
C LEU D 21 -30.00 4.21 1.30
N ALA D 22 -29.11 4.68 2.17
CA ALA D 22 -28.72 6.09 2.21
C ALA D 22 -28.20 6.54 0.85
N THR D 23 -27.43 5.68 0.21
CA THR D 23 -26.87 5.94 -1.11
C THR D 23 -27.98 6.05 -2.17
N ALA D 24 -28.90 5.09 -2.14
CA ALA D 24 -30.05 5.11 -3.05
C ALA D 24 -30.85 6.41 -2.91
N ARG D 25 -31.10 6.82 -1.68
CA ARG D 25 -31.81 8.08 -1.42
C ARG D 25 -31.13 9.28 -2.08
N LEU D 26 -29.80 9.32 -2.02
CA LEU D 26 -29.07 10.43 -2.59
C LEU D 26 -29.10 10.43 -4.11
N PHE D 27 -29.02 9.24 -4.72
CA PHE D 27 -29.15 9.11 -6.17
C PHE D 27 -30.52 9.59 -6.67
N ALA D 28 -31.58 9.25 -5.95
CA ALA D 28 -32.94 9.66 -6.32
C ALA D 28 -33.07 11.18 -6.28
N ARG D 29 -32.43 11.80 -5.29
CA ARG D 29 -32.41 13.27 -5.19
C ARG D 29 -31.68 13.92 -6.37
N ALA D 30 -30.78 13.15 -6.98
CA ALA D 30 -30.07 13.58 -8.19
C ALA D 30 -30.85 13.27 -9.46
N GLY D 31 -32.05 12.72 -9.31
CA GLY D 31 -32.92 12.39 -10.43
C GLY D 31 -32.67 11.04 -11.09
N ALA D 32 -31.91 10.18 -10.43
CA ALA D 32 -31.60 8.86 -10.99
C ALA D 32 -32.77 7.88 -10.86
N LYS D 33 -32.77 6.86 -11.71
CA LYS D 33 -33.70 5.74 -11.61
C LYS D 33 -32.98 4.61 -10.86
N VAL D 34 -33.45 4.29 -9.67
CA VAL D 34 -32.71 3.43 -8.73
C VAL D 34 -33.34 2.05 -8.52
N GLY D 35 -32.51 1.01 -8.67
CA GLY D 35 -32.91 -0.35 -8.33
C GLY D 35 -32.57 -0.64 -6.88
N LEU D 36 -33.59 -0.73 -6.04
CA LEU D 36 -33.44 -1.10 -4.64
C LEU D 36 -33.40 -2.61 -4.53
N HIS D 37 -32.55 -3.12 -3.65
CA HIS D 37 -32.35 -4.56 -3.55
C HIS D 37 -32.04 -5.05 -2.13
N GLY D 38 -32.58 -6.23 -1.81
CA GLY D 38 -32.26 -6.96 -0.57
C GLY D 38 -32.68 -8.42 -0.74
N ARG D 39 -32.45 -9.25 0.28
CA ARG D 39 -32.88 -10.64 0.23
C ARG D 39 -34.40 -10.77 0.32
N LYS D 40 -35.00 -9.88 1.12
CA LYS D 40 -36.45 -9.81 1.28
C LYS D 40 -36.86 -8.35 1.13
N ALA D 41 -38.07 -8.12 0.65
CA ALA D 41 -38.66 -6.78 0.64
C ALA D 41 -38.77 -6.29 2.07
N PRO D 42 -38.15 -5.13 2.38
CA PRO D 42 -38.26 -4.62 3.74
C PRO D 42 -39.66 -4.06 3.96
N ALA D 43 -40.07 -3.98 5.23
CA ALA D 43 -41.35 -3.37 5.54
C ALA D 43 -41.28 -1.89 5.18
N ASN D 44 -42.37 -1.41 4.56
CA ASN D 44 -42.51 -0.03 4.09
C ASN D 44 -41.67 0.32 2.88
N ILE D 45 -41.25 -0.70 2.13
CA ILE D 45 -40.48 -0.49 0.90
C ILE D 45 -41.17 0.48 -0.07
N ASP D 46 -42.50 0.43 -0.11
CA ASP D 46 -43.26 1.31 -0.99
C ASP D 46 -43.28 2.77 -0.50
N GLU D 47 -43.12 2.97 0.80
CA GLU D 47 -42.94 4.32 1.35
C GLU D 47 -41.61 4.90 0.87
N THR D 48 -40.56 4.09 0.94
CA THR D 48 -39.24 4.47 0.46
C THR D 48 -39.28 4.86 -1.02
N ILE D 49 -39.95 4.05 -1.82
CA ILE D 49 -40.12 4.31 -3.25
C ILE D 49 -40.86 5.65 -3.47
N ALA D 50 -41.88 5.91 -2.65
CA ALA D 50 -42.63 7.18 -2.72
C ALA D 50 -41.76 8.40 -2.37
N SER D 51 -40.95 8.28 -1.31
CA SER D 51 -40.00 9.34 -0.93
C SER D 51 -39.04 9.65 -2.06
N MET D 52 -38.52 8.59 -2.69
CA MET D 52 -37.54 8.72 -3.76
C MET D 52 -38.13 9.39 -5.01
N ARG D 53 -39.40 9.08 -5.30
N ARG D 53 -39.39 9.09 -5.30
CA ARG D 53 -40.10 9.69 -6.42
CA ARG D 53 -40.09 9.69 -6.44
C ARG D 53 -40.41 11.16 -6.15
C ARG D 53 -40.48 11.15 -6.17
N ALA D 54 -40.81 11.45 -4.91
CA ALA D 54 -41.10 12.84 -4.48
C ALA D 54 -39.85 13.73 -4.54
N ASP D 55 -38.67 13.11 -4.41
CA ASP D 55 -37.39 13.81 -4.53
C ASP D 55 -36.95 14.02 -5.97
N GLY D 56 -37.72 13.49 -6.92
CA GLY D 56 -37.46 13.71 -8.34
C GLY D 56 -36.77 12.56 -9.07
N GLY D 57 -36.69 11.41 -8.43
CA GLY D 57 -36.12 10.22 -9.05
C GLY D 57 -37.17 9.17 -9.29
N ASP D 58 -36.72 7.92 -9.48
CA ASP D 58 -37.62 6.78 -9.55
C ASP D 58 -36.97 5.61 -8.84
N ALA D 59 -37.78 4.63 -8.45
CA ALA D 59 -37.30 3.46 -7.71
C ALA D 59 -38.19 2.25 -7.94
N ALA D 60 -37.57 1.07 -7.85
CA ALA D 60 -38.29 -0.20 -7.84
C ALA D 60 -37.46 -1.17 -7.03
N PHE D 61 -38.13 -2.06 -6.31
CA PHE D 61 -37.44 -3.06 -5.48
C PHE D 61 -37.33 -4.41 -6.14
N PHE D 62 -36.18 -5.06 -5.94
CA PHE D 62 -35.93 -6.40 -6.46
C PHE D 62 -35.38 -7.29 -5.34
N ALA D 63 -36.01 -8.44 -5.13
CA ALA D 63 -35.56 -9.39 -4.12
C ALA D 63 -34.65 -10.45 -4.75
N ALA D 64 -33.49 -10.67 -4.13
CA ALA D 64 -32.53 -11.68 -4.60
C ALA D 64 -31.48 -11.98 -3.54
N ASP D 65 -31.20 -13.26 -3.31
CA ASP D 65 -30.07 -13.64 -2.47
C ASP D 65 -28.91 -13.88 -3.42
N LEU D 66 -27.94 -12.97 -3.39
CA LEU D 66 -26.91 -12.93 -4.42
C LEU D 66 -25.78 -13.95 -4.21
N ALA D 67 -25.95 -14.85 -3.24
CA ALA D 67 -25.00 -15.94 -2.99
C ALA D 67 -24.93 -16.96 -4.13
N THR D 68 -25.93 -16.95 -5.01
CA THR D 68 -25.92 -17.81 -6.21
C THR D 68 -25.90 -16.99 -7.50
N SER D 69 -25.23 -17.50 -8.53
N SER D 69 -25.23 -17.52 -8.52
CA SER D 69 -25.15 -16.82 -9.81
CA SER D 69 -25.13 -16.82 -9.82
C SER D 69 -26.53 -16.65 -10.45
C SER D 69 -26.51 -16.67 -10.47
N GLU D 70 -27.38 -17.65 -10.24
CA GLU D 70 -28.74 -17.64 -10.77
C GLU D 70 -29.52 -16.40 -10.32
N ALA D 71 -29.42 -16.07 -9.03
CA ALA D 71 -30.08 -14.88 -8.48
C ALA D 71 -29.44 -13.58 -9.00
N CYS D 72 -28.12 -13.60 -9.20
CA CYS D 72 -27.40 -12.45 -9.77
C CYS D 72 -27.86 -12.12 -11.20
N GLN D 73 -27.98 -13.15 -12.04
N GLN D 73 -27.99 -13.16 -12.03
CA GLN D 73 -28.46 -13.00 -13.42
CA GLN D 73 -28.46 -13.01 -13.41
C GLN D 73 -29.91 -12.51 -13.45
C GLN D 73 -29.90 -12.51 -13.45
N GLN D 74 -30.75 -13.09 -12.60
CA GLN D 74 -32.16 -12.70 -12.52
C GLN D 74 -32.33 -11.25 -12.07
N LEU D 75 -31.51 -10.82 -11.11
CA LEU D 75 -31.56 -9.43 -10.63
C LEU D 75 -31.27 -8.45 -11.76
N VAL D 76 -30.22 -8.74 -12.52
CA VAL D 76 -29.80 -7.89 -13.64
C VAL D 76 -30.91 -7.87 -14.71
N ASP D 77 -31.42 -9.05 -15.05
CA ASP D 77 -32.52 -9.18 -16.01
C ASP D 77 -33.78 -8.42 -15.60
N GLU D 78 -34.18 -8.55 -14.34
CA GLU D 78 -35.36 -7.85 -13.85
C GLU D 78 -35.17 -6.34 -13.82
N PHE D 79 -33.96 -5.91 -13.47
CA PHE D 79 -33.64 -4.48 -13.45
C PHE D 79 -33.71 -3.87 -14.86
N VAL D 80 -33.10 -4.56 -15.82
CA VAL D 80 -33.08 -4.12 -17.22
C VAL D 80 -34.50 -4.16 -17.81
N ALA D 81 -35.29 -5.17 -17.43
CA ALA D 81 -36.68 -5.26 -17.88
C ALA D 81 -37.48 -4.04 -17.43
N LYS D 82 -37.25 -3.61 -16.20
CA LYS D 82 -37.97 -2.48 -15.60
C LYS D 82 -37.50 -1.13 -16.14
N PHE D 83 -36.19 -0.92 -16.20
CA PHE D 83 -35.64 0.40 -16.54
C PHE D 83 -35.04 0.54 -17.94
N GLY D 84 -34.78 -0.57 -18.60
CA GLY D 84 -34.36 -0.54 -20.01
C GLY D 84 -32.87 -0.61 -20.28
N GLY D 85 -32.07 -0.62 -19.22
CA GLY D 85 -30.61 -0.69 -19.34
C GLY D 85 -29.96 -0.40 -18.01
N ILE D 86 -28.63 -0.33 -18.00
N ILE D 86 -28.63 -0.36 -18.00
CA ILE D 86 -27.89 -0.01 -16.78
CA ILE D 86 -27.85 -0.05 -16.78
C ILE D 86 -26.70 0.91 -17.05
C ILE D 86 -26.71 0.92 -17.07
N ASP D 87 -26.65 2.00 -16.30
CA ASP D 87 -25.57 2.98 -16.39
C ASP D 87 -24.57 2.82 -15.25
N VAL D 88 -25.08 2.45 -14.08
CA VAL D 88 -24.25 2.34 -12.87
C VAL D 88 -24.63 1.08 -12.10
N LEU D 89 -23.64 0.25 -11.79
CA LEU D 89 -23.83 -0.87 -10.88
C LEU D 89 -23.08 -0.58 -9.58
N ILE D 90 -23.79 -0.70 -8.45
CA ILE D 90 -23.17 -0.59 -7.14
C ILE D 90 -23.28 -1.92 -6.41
N ASN D 91 -22.13 -2.60 -6.29
CA ASN D 91 -22.04 -3.88 -5.60
C ASN D 91 -21.84 -3.60 -4.12
N ASN D 92 -22.96 -3.43 -3.40
CA ASN D 92 -22.90 -3.08 -1.99
C ASN D 92 -23.39 -4.22 -1.08
N ALA D 93 -24.14 -5.17 -1.63
CA ALA D 93 -24.55 -6.36 -0.88
C ALA D 93 -23.34 -7.10 -0.32
N GLY D 94 -23.47 -7.54 0.93
CA GLY D 94 -22.41 -8.26 1.62
C GLY D 94 -22.54 -8.12 3.13
N GLY D 95 -21.62 -8.74 3.85
CA GLY D 95 -21.64 -8.68 5.31
C GLY D 95 -20.84 -9.80 5.93
N LEU D 96 -20.76 -9.76 7.25
CA LEU D 96 -19.95 -10.72 8.00
C LEU D 96 -20.45 -12.15 7.85
N VAL D 97 -21.78 -12.30 7.74
CA VAL D 97 -22.49 -13.59 7.82
C VAL D 97 -22.46 -14.14 9.24
N GLY D 98 -21.26 -14.23 9.81
CA GLY D 98 -21.06 -14.67 11.19
C GLY D 98 -19.62 -14.43 11.61
N ARG D 99 -19.32 -14.77 12.86
CA ARG D 99 -17.96 -14.70 13.38
C ARG D 99 -17.49 -16.08 13.83
N LYS D 100 -16.47 -16.59 13.15
CA LYS D 100 -15.85 -17.86 13.50
C LYS D 100 -14.33 -17.71 13.42
N PRO D 101 -13.62 -17.98 14.53
CA PRO D 101 -12.16 -18.02 14.49
C PRO D 101 -11.65 -19.14 13.58
N LEU D 102 -10.41 -19.01 13.12
CA LEU D 102 -9.81 -19.98 12.19
C LEU D 102 -10.06 -21.46 12.55
N PRO D 103 -9.83 -21.85 13.82
CA PRO D 103 -10.08 -23.25 14.18
C PRO D 103 -11.53 -23.71 13.94
N GLU D 104 -12.46 -22.75 13.88
CA GLU D 104 -13.89 -23.03 13.76
C GLU D 104 -14.42 -22.94 12.31
N ILE D 105 -13.57 -22.54 11.36
CA ILE D 105 -14.02 -22.36 9.97
C ILE D 105 -14.25 -23.69 9.25
N ASP D 106 -15.52 -24.05 9.10
CA ASP D 106 -15.91 -25.24 8.36
C ASP D 106 -16.28 -24.84 6.92
N ASP D 107 -16.53 -25.82 6.07
CA ASP D 107 -16.88 -25.55 4.66
C ASP D 107 -18.16 -24.73 4.52
N THR D 108 -19.16 -25.04 5.34
CA THR D 108 -20.45 -24.33 5.28
C THR D 108 -20.28 -22.83 5.54
N PHE D 109 -19.57 -22.49 6.61
CA PHE D 109 -19.31 -21.09 6.95
C PHE D 109 -18.43 -20.42 5.89
N TYR D 110 -17.34 -21.09 5.51
CA TYR D 110 -16.48 -20.60 4.43
C TYR D 110 -17.31 -20.27 3.19
N ASP D 111 -18.09 -21.24 2.72
CA ASP D 111 -18.94 -21.04 1.54
C ASP D 111 -19.89 -19.86 1.72
N ALA D 112 -20.54 -19.78 2.88
CA ALA D 112 -21.49 -18.69 3.16
C ALA D 112 -20.84 -17.30 3.04
N VAL D 113 -19.68 -17.13 3.67
CA VAL D 113 -19.00 -15.83 3.66
C VAL D 113 -18.49 -15.52 2.25
N MET D 114 -17.89 -16.52 1.62
CA MET D 114 -17.30 -16.31 0.29
C MET D 114 -18.35 -16.07 -0.80
N ASP D 115 -19.48 -16.76 -0.72
CA ASP D 115 -20.57 -16.59 -1.67
C ASP D 115 -21.24 -15.23 -1.52
N ALA D 116 -21.48 -14.81 -0.28
CA ALA D 116 -22.16 -13.55 0.00
C ALA D 116 -21.32 -12.35 -0.44
N ASN D 117 -20.01 -12.43 -0.23
CA ASN D 117 -19.12 -11.30 -0.42
C ASN D 117 -18.30 -11.26 -1.70
N ILE D 118 -18.03 -12.44 -2.28
CA ILE D 118 -17.22 -12.51 -3.49
C ILE D 118 -18.03 -12.96 -4.71
N ARG D 119 -18.61 -14.15 -4.65
CA ARG D 119 -19.37 -14.67 -5.80
C ARG D 119 -20.43 -13.65 -6.23
N SER D 120 -21.10 -13.05 -5.24
CA SER D 120 -22.12 -12.03 -5.52
C SER D 120 -21.58 -10.91 -6.42
N VAL D 121 -20.42 -10.37 -6.05
CA VAL D 121 -19.83 -9.24 -6.77
C VAL D 121 -19.33 -9.67 -8.15
N VAL D 122 -18.64 -10.81 -8.20
CA VAL D 122 -18.08 -11.30 -9.46
C VAL D 122 -19.18 -11.54 -10.48
N MET D 123 -20.22 -12.26 -10.06
CA MET D 123 -21.30 -12.66 -10.97
C MET D 123 -22.22 -11.50 -11.34
N THR D 124 -22.61 -10.67 -10.37
CA THR D 124 -23.47 -9.52 -10.67
C THR D 124 -22.77 -8.56 -11.63
N THR D 125 -21.47 -8.31 -11.41
CA THR D 125 -20.68 -7.48 -12.33
C THR D 125 -20.62 -8.10 -13.72
N LYS D 126 -20.38 -9.42 -13.78
CA LYS D 126 -20.33 -10.13 -15.05
C LYS D 126 -21.61 -9.95 -15.87
N PHE D 127 -22.75 -10.17 -15.22
CA PHE D 127 -24.05 -10.09 -15.89
C PHE D 127 -24.44 -8.67 -16.28
N ALA D 128 -24.00 -7.70 -15.48
CA ALA D 128 -24.28 -6.29 -15.74
C ALA D 128 -23.41 -5.74 -16.87
N LEU D 129 -22.20 -6.29 -17.01
CA LEU D 129 -21.18 -5.77 -17.91
C LEU D 129 -21.62 -5.45 -19.35
N PRO D 130 -22.30 -6.40 -20.05
CA PRO D 130 -22.75 -6.10 -21.41
C PRO D 130 -23.67 -4.88 -21.47
N HIS D 131 -24.53 -4.73 -20.46
CA HIS D 131 -25.46 -3.61 -20.41
C HIS D 131 -24.72 -2.28 -20.14
N LEU D 132 -23.83 -2.31 -19.15
CA LEU D 132 -23.00 -1.15 -18.85
C LEU D 132 -22.20 -0.70 -20.07
N ALA D 133 -21.62 -1.67 -20.79
CA ALA D 133 -20.87 -1.38 -22.01
C ALA D 133 -21.74 -0.76 -23.10
N ALA D 134 -22.94 -1.30 -23.28
CA ALA D 134 -23.88 -0.79 -24.29
C ALA D 134 -24.31 0.64 -23.99
N ALA D 135 -24.55 0.95 -22.71
CA ALA D 135 -24.95 2.30 -22.30
C ALA D 135 -23.82 3.30 -22.55
N ALA D 136 -22.59 2.88 -22.29
CA ALA D 136 -21.40 3.69 -22.52
C ALA D 136 -21.20 4.03 -24.00
N LYS D 137 -21.36 3.03 -24.85
CA LYS D 137 -21.28 3.19 -26.31
C LYS D 137 -22.34 4.18 -26.82
N ALA D 138 -23.55 4.07 -26.30
CA ALA D 138 -24.68 4.94 -26.70
C ALA D 138 -24.47 6.41 -26.34
N SER D 139 -23.93 6.65 -25.13
CA SER D 139 -23.74 8.02 -24.65
C SER D 139 -22.41 8.64 -25.09
N GLY D 140 -21.42 7.81 -25.38
CA GLY D 140 -20.06 8.27 -25.67
C GLY D 140 -19.30 8.65 -24.41
N GLN D 141 -19.90 8.34 -23.25
CA GLN D 141 -19.30 8.58 -21.95
C GLN D 141 -19.25 7.26 -21.18
N THR D 142 -18.62 7.26 -20.02
CA THR D 142 -18.38 6.03 -19.28
C THR D 142 -19.57 5.59 -18.43
N SER D 143 -19.72 4.28 -18.30
CA SER D 143 -20.58 3.69 -17.27
C SER D 143 -19.71 3.39 -16.04
N ALA D 144 -20.33 3.07 -14.92
CA ALA D 144 -19.59 2.93 -13.66
C ALA D 144 -19.97 1.67 -12.90
N VAL D 145 -18.96 0.99 -12.36
CA VAL D 145 -19.16 -0.03 -11.34
C VAL D 145 -18.48 0.51 -10.09
N ILE D 146 -19.23 0.52 -8.99
CA ILE D 146 -18.68 0.92 -7.70
C ILE D 146 -18.97 -0.22 -6.73
N SER D 147 -17.93 -0.77 -6.14
CA SER D 147 -18.12 -1.84 -5.17
C SER D 147 -17.76 -1.35 -3.78
N THR D 148 -18.46 -1.88 -2.80
CA THR D 148 -18.19 -1.52 -1.42
C THR D 148 -17.08 -2.42 -0.85
N GLY D 149 -15.98 -1.79 -0.47
CA GLY D 149 -14.88 -2.51 0.18
C GLY D 149 -14.97 -2.39 1.70
N SER D 150 -13.82 -2.31 2.35
CA SER D 150 -13.77 -2.15 3.81
C SER D 150 -12.37 -1.82 4.26
N ILE D 151 -12.29 -1.03 5.33
CA ILE D 151 -11.05 -0.91 6.08
C ILE D 151 -10.39 -2.29 6.30
N ALA D 152 -11.21 -3.30 6.56
CA ALA D 152 -10.71 -4.66 6.80
C ALA D 152 -9.98 -5.26 5.58
N GLY D 153 -10.31 -4.76 4.38
CA GLY D 153 -9.61 -5.18 3.17
C GLY D 153 -8.19 -4.65 3.11
N HIS D 154 -7.88 -3.67 3.96
CA HIS D 154 -6.51 -3.17 4.10
C HIS D 154 -5.75 -3.85 5.24
N THR D 155 -6.34 -3.86 6.44
CA THR D 155 -5.58 -4.26 7.61
C THR D 155 -5.94 -5.63 8.19
N GLY D 156 -6.98 -6.24 7.62
CA GLY D 156 -7.42 -7.58 8.03
C GLY D 156 -8.73 -7.52 8.80
N GLY D 157 -9.46 -8.63 8.78
CA GLY D 157 -10.74 -8.71 9.49
C GLY D 157 -10.54 -8.77 11.00
N GLY D 158 -11.57 -8.36 11.74
CA GLY D 158 -11.58 -8.50 13.19
C GLY D 158 -11.78 -9.94 13.66
N PRO D 159 -12.03 -10.13 14.97
CA PRO D 159 -12.16 -11.48 15.51
C PRO D 159 -13.29 -12.25 14.86
N GLY D 160 -12.97 -13.44 14.36
CA GLY D 160 -13.93 -14.29 13.67
C GLY D 160 -14.30 -13.81 12.28
N ALA D 161 -13.67 -12.72 11.84
CA ALA D 161 -14.00 -12.08 10.57
C ALA D 161 -12.86 -12.15 9.54
N GLY D 162 -11.95 -13.12 9.72
CA GLY D 162 -10.83 -13.29 8.79
C GLY D 162 -11.24 -13.43 7.34
N LEU D 163 -12.27 -14.23 7.08
CA LEU D 163 -12.75 -14.44 5.71
C LEU D 163 -13.41 -13.20 5.12
N TYR D 164 -14.14 -12.47 5.95
CA TYR D 164 -14.78 -11.24 5.52
C TYR D 164 -13.76 -10.18 5.07
N GLY D 165 -12.79 -9.88 5.92
CA GLY D 165 -11.76 -8.90 5.59
C GLY D 165 -11.02 -9.29 4.32
N ALA D 166 -10.70 -10.58 4.21
CA ALA D 166 -9.93 -11.06 3.05
C ALA D 166 -10.80 -11.06 1.78
N ALA D 167 -12.09 -11.33 1.93
CA ALA D 167 -13.05 -11.18 0.82
C ALA D 167 -13.07 -9.74 0.29
N LYS D 168 -13.03 -8.77 1.20
CA LYS D 168 -12.97 -7.37 0.80
C LYS D 168 -11.65 -7.04 0.11
N ALA D 169 -10.54 -7.58 0.60
CA ALA D 169 -9.24 -7.49 -0.07
C ALA D 169 -9.30 -8.09 -1.48
N PHE D 170 -10.00 -9.20 -1.61
CA PHE D 170 -10.22 -9.84 -2.92
C PHE D 170 -10.89 -8.86 -3.90
N LEU D 171 -11.95 -8.19 -3.45
CA LEU D 171 -12.65 -7.20 -4.28
C LEU D 171 -11.73 -6.06 -4.69
N HIS D 172 -10.97 -5.54 -3.72
CA HIS D 172 -10.02 -4.44 -3.98
C HIS D 172 -9.08 -4.84 -5.12
N ASN D 173 -8.67 -6.11 -5.12
CA ASN D 173 -7.77 -6.62 -6.15
C ASN D 173 -8.44 -6.94 -7.50
N VAL D 174 -9.60 -7.61 -7.47
CA VAL D 174 -10.21 -8.05 -8.73
C VAL D 174 -10.61 -6.87 -9.63
N HIS D 175 -10.97 -5.76 -8.99
CA HIS D 175 -11.23 -4.51 -9.71
C HIS D 175 -10.07 -4.08 -10.59
N LYS D 176 -8.84 -4.36 -10.13
N LYS D 176 -8.84 -4.34 -10.11
CA LYS D 176 -7.63 -3.99 -10.86
CA LYS D 176 -7.63 -4.00 -10.86
C LYS D 176 -7.54 -4.74 -12.20
C LYS D 176 -7.59 -4.72 -12.20
N ASN D 177 -7.84 -6.03 -12.17
CA ASN D 177 -7.93 -6.84 -13.40
C ASN D 177 -9.05 -6.31 -14.31
N TRP D 178 -10.19 -5.99 -13.71
CA TRP D 178 -11.33 -5.48 -14.49
C TRP D 178 -11.02 -4.18 -15.20
N VAL D 179 -10.27 -3.29 -14.53
CA VAL D 179 -9.83 -2.04 -15.13
C VAL D 179 -8.91 -2.33 -16.30
N ASP D 180 -7.93 -3.21 -16.08
CA ASP D 180 -6.93 -3.49 -17.11
C ASP D 180 -7.56 -4.01 -18.40
N PHE D 181 -8.61 -4.81 -18.28
CA PHE D 181 -9.13 -5.44 -19.49
C PHE D 181 -10.55 -5.02 -19.91
N HIS D 182 -11.20 -4.18 -19.10
CA HIS D 182 -12.54 -3.69 -19.46
C HIS D 182 -12.71 -2.17 -19.49
N THR D 183 -11.62 -1.43 -19.31
CA THR D 183 -11.67 0.02 -19.54
C THR D 183 -12.06 0.29 -21.00
N LYS D 184 -11.59 -0.57 -21.89
CA LYS D 184 -11.94 -0.48 -23.32
C LYS D 184 -13.42 -0.72 -23.62
N ASP D 185 -14.16 -1.26 -22.65
CA ASP D 185 -15.61 -1.43 -22.77
C ASP D 185 -16.38 -0.18 -22.31
N GLY D 186 -15.65 0.85 -21.90
CA GLY D 186 -16.24 2.12 -21.48
C GLY D 186 -16.76 2.10 -20.05
N VAL D 187 -16.21 1.20 -19.23
CA VAL D 187 -16.66 1.06 -17.85
C VAL D 187 -15.53 1.42 -16.89
N ARG D 188 -15.81 2.29 -15.93
CA ARG D 188 -14.86 2.61 -14.86
C ARG D 188 -15.24 1.80 -13.62
N PHE D 189 -14.23 1.34 -12.88
CA PHE D 189 -14.44 0.53 -11.68
C PHE D 189 -13.76 1.23 -10.51
N ASN D 190 -14.52 1.50 -9.45
CA ASN D 190 -13.94 2.13 -8.26
C ASN D 190 -14.58 1.54 -7.03
N ILE D 191 -13.94 1.80 -5.88
CA ILE D 191 -14.41 1.23 -4.63
C ILE D 191 -14.54 2.30 -3.54
N VAL D 192 -15.64 2.25 -2.81
CA VAL D 192 -15.82 3.01 -1.60
C VAL D 192 -15.60 2.02 -0.47
N SER D 193 -14.66 2.37 0.43
CA SER D 193 -14.23 1.48 1.50
C SER D 193 -14.57 2.08 2.87
N PRO D 194 -15.76 1.76 3.40
CA PRO D 194 -16.17 2.28 4.71
C PRO D 194 -15.29 1.76 5.83
N GLY D 195 -15.14 2.57 6.88
CA GLY D 195 -14.43 2.16 8.09
C GLY D 195 -15.40 1.50 9.05
N THR D 196 -15.78 2.25 10.08
CA THR D 196 -16.73 1.78 11.09
C THR D 196 -17.95 2.67 11.02
N VAL D 197 -19.05 2.10 10.53
CA VAL D 197 -20.25 2.88 10.21
C VAL D 197 -21.43 2.38 11.04
N ASP D 198 -22.16 3.32 11.63
CA ASP D 198 -23.28 3.01 12.50
C ASP D 198 -24.49 2.49 11.73
N THR D 199 -24.43 1.20 11.38
CA THR D 199 -25.52 0.48 10.72
C THR D 199 -25.77 -0.84 11.46
N ALA D 200 -26.65 -1.67 10.91
CA ALA D 200 -26.92 -3.02 11.46
C ALA D 200 -25.65 -3.89 11.53
N PHE D 201 -24.71 -3.64 10.62
CA PHE D 201 -23.40 -4.29 10.60
C PHE D 201 -22.69 -4.29 11.97
N HIS D 202 -22.82 -3.18 12.70
CA HIS D 202 -22.17 -3.04 14.02
C HIS D 202 -23.16 -2.98 15.20
N ALA D 203 -24.42 -3.32 14.93
CA ALA D 203 -25.50 -3.22 15.93
C ALA D 203 -25.29 -4.09 17.19
N ASP D 204 -24.50 -5.16 17.05
CA ASP D 204 -24.23 -6.07 18.16
C ASP D 204 -23.24 -5.51 19.19
N LYS D 205 -22.55 -4.43 18.83
CA LYS D 205 -21.52 -3.85 19.68
C LYS D 205 -22.07 -2.98 20.81
N THR D 206 -21.65 -3.30 22.03
CA THR D 206 -22.00 -2.50 23.22
C THR D 206 -21.28 -1.16 23.18
N GLN D 207 -21.80 -0.19 23.92
N GLN D 207 -21.80 -0.19 23.92
CA GLN D 207 -21.21 1.15 23.99
CA GLN D 207 -21.21 1.16 24.01
C GLN D 207 -19.74 1.14 24.43
C GLN D 207 -19.74 1.14 24.42
N ASP D 208 -19.39 0.19 25.28
CA ASP D 208 -18.01 0.00 25.75
C ASP D 208 -17.06 -0.36 24.60
N VAL D 209 -17.51 -1.26 23.73
CA VAL D 209 -16.74 -1.68 22.54
C VAL D 209 -16.68 -0.53 21.53
N ARG D 210 -17.80 0.20 21.40
CA ARG D 210 -17.89 1.35 20.49
C ARG D 210 -16.93 2.48 20.89
N ASP D 211 -16.76 2.68 22.20
CA ASP D 211 -15.85 3.69 22.73
C ASP D 211 -14.39 3.36 22.44
N ARG D 212 -14.02 2.09 22.59
CA ARG D 212 -12.66 1.62 22.33
C ARG D 212 -12.25 1.79 20.87
N ILE D 213 -13.16 1.48 19.96
CA ILE D 213 -12.92 1.63 18.51
C ILE D 213 -12.76 3.12 18.16
N SER D 214 -13.65 3.95 18.70
CA SER D 214 -13.62 5.39 18.48
C SER D 214 -12.30 6.04 18.93
N ASN D 215 -11.69 5.47 19.96
CA ASN D 215 -10.38 5.94 20.45
C ASN D 215 -9.25 5.82 19.42
N GLY D 216 -9.39 4.85 18.51
CA GLY D 216 -8.43 4.67 17.41
C GLY D 216 -8.85 5.36 16.12
N ILE D 217 -9.91 6.16 16.20
CA ILE D 217 -10.38 6.97 15.08
C ILE D 217 -10.12 8.44 15.39
N PRO D 218 -9.29 9.13 14.58
CA PRO D 218 -9.02 10.55 14.79
C PRO D 218 -10.27 11.43 14.96
N MET D 219 -11.33 11.15 14.20
CA MET D 219 -12.58 11.91 14.35
C MET D 219 -13.39 11.53 15.59
N GLY D 220 -13.00 10.45 16.26
CA GLY D 220 -13.52 10.09 17.58
C GLY D 220 -14.94 9.57 17.61
N ARG D 221 -15.42 9.07 16.47
CA ARG D 221 -16.78 8.56 16.35
C ARG D 221 -16.91 7.62 15.14
N PHE D 222 -17.96 6.81 15.16
CA PHE D 222 -18.39 6.03 14.00
C PHE D 222 -18.88 6.96 12.90
N GLY D 223 -18.79 6.51 11.65
CA GLY D 223 -19.43 7.22 10.54
C GLY D 223 -20.92 6.92 10.47
N THR D 224 -21.64 7.73 9.72
CA THR D 224 -23.05 7.46 9.40
C THR D 224 -23.16 6.95 7.97
N ALA D 225 -24.25 6.25 7.68
CA ALA D 225 -24.54 5.81 6.32
C ALA D 225 -24.55 6.98 5.35
N GLU D 226 -25.03 8.14 5.82
CA GLU D 226 -25.14 9.34 5.01
C GLU D 226 -23.78 9.89 4.59
N GLU D 227 -22.78 9.68 5.42
CA GLU D 227 -21.41 10.12 5.15
C GLU D 227 -20.70 9.26 4.09
N MET D 228 -21.27 8.10 3.79
CA MET D 228 -20.74 7.20 2.75
C MET D 228 -21.28 7.55 1.36
N ALA D 229 -22.50 8.05 1.32
CA ALA D 229 -23.26 8.18 0.08
C ALA D 229 -22.64 9.10 -0.98
N PRO D 230 -22.19 10.32 -0.60
CA PRO D 230 -21.68 11.22 -1.66
C PRO D 230 -20.54 10.62 -2.49
N ALA D 231 -19.66 9.84 -1.88
CA ALA D 231 -18.56 9.22 -2.63
C ALA D 231 -19.06 8.32 -3.76
N PHE D 232 -20.15 7.59 -3.53
CA PHE D 232 -20.76 6.76 -4.57
C PHE D 232 -21.24 7.60 -5.76
N LEU D 233 -21.91 8.71 -5.48
CA LEU D 233 -22.37 9.62 -6.53
C LEU D 233 -21.19 10.21 -7.30
N PHE D 234 -20.15 10.60 -6.55
CA PHE D 234 -18.92 11.10 -7.14
C PHE D 234 -18.33 10.10 -8.15
N PHE D 235 -18.19 8.85 -7.73
CA PHE D 235 -17.62 7.81 -8.60
C PHE D 235 -18.54 7.43 -9.77
N ALA D 236 -19.85 7.64 -9.59
CA ALA D 236 -20.84 7.31 -10.63
C ALA D 236 -20.89 8.38 -11.73
N SER D 237 -20.50 9.61 -11.38
CA SER D 237 -20.60 10.76 -12.28
C SER D 237 -19.41 10.88 -13.22
N HIS D 238 -19.66 10.72 -14.51
CA HIS D 238 -18.64 10.89 -15.54
C HIS D 238 -18.01 12.29 -15.49
N LEU D 239 -18.81 13.32 -15.23
CA LEU D 239 -18.30 14.68 -15.15
C LEU D 239 -17.34 14.85 -13.98
N ALA D 240 -17.64 14.18 -12.88
CA ALA D 240 -16.86 14.29 -11.65
C ALA D 240 -15.58 13.45 -11.67
N SER D 241 -15.68 12.23 -12.20
CA SER D 241 -14.61 11.25 -12.03
C SER D 241 -14.25 10.50 -13.32
N GLY D 242 -14.48 11.15 -14.46
CA GLY D 242 -14.25 10.52 -15.77
C GLY D 242 -12.88 9.94 -16.04
N TYR D 243 -11.85 10.46 -15.37
CA TYR D 243 -10.47 9.96 -15.53
C TYR D 243 -10.03 9.12 -14.31
N ILE D 244 -10.98 8.79 -13.45
CA ILE D 244 -10.71 7.99 -12.25
C ILE D 244 -11.24 6.57 -12.41
N THR D 245 -10.33 5.62 -12.35
CA THR D 245 -10.68 4.20 -12.38
C THR D 245 -9.61 3.37 -11.68
N GLY D 246 -10.05 2.28 -11.05
CA GLY D 246 -9.16 1.36 -10.32
C GLY D 246 -8.71 1.87 -8.96
N GLN D 247 -9.51 2.72 -8.34
CA GLN D 247 -9.17 3.32 -7.05
C GLN D 247 -10.04 2.82 -5.90
N VAL D 248 -9.48 2.95 -4.70
CA VAL D 248 -10.18 2.62 -3.46
C VAL D 248 -10.15 3.89 -2.61
N LEU D 249 -11.34 4.35 -2.20
CA LEU D 249 -11.43 5.54 -1.35
C LEU D 249 -12.00 5.14 0.00
N ASP D 250 -11.18 5.29 1.04
CA ASP D 250 -11.57 4.91 2.39
C ASP D 250 -12.26 6.05 3.12
N ILE D 251 -13.39 5.74 3.75
CA ILE D 251 -14.20 6.73 4.45
C ILE D 251 -14.34 6.25 5.89
N ASN D 252 -13.49 6.79 6.76
CA ASN D 252 -13.27 6.19 8.07
C ASN D 252 -12.80 7.14 9.17
N GLY D 253 -12.98 8.44 8.97
CA GLY D 253 -12.58 9.44 9.98
C GLY D 253 -11.11 9.43 10.33
N GLY D 254 -10.29 8.91 9.42
CA GLY D 254 -8.83 8.83 9.61
C GLY D 254 -8.37 7.54 10.27
N GLN D 255 -9.29 6.60 10.50
CA GLN D 255 -8.96 5.32 11.15
C GLN D 255 -7.85 4.53 10.43
N TYR D 256 -7.93 4.51 9.10
CA TYR D 256 -6.87 3.95 8.28
C TYR D 256 -6.59 4.94 7.16
N LYS D 257 -5.30 5.21 6.95
CA LYS D 257 -4.90 6.26 6.01
C LYS D 257 -4.36 5.63 4.74
N HIS D 258 -5.19 5.66 3.70
CA HIS D 258 -4.92 5.00 2.45
C HIS D 258 -4.64 6.06 1.39
#